data_1PS9
#
_entry.id   1PS9
#
_cell.length_a   65.601
_cell.length_b   109.227
_cell.length_c   110.304
_cell.angle_alpha   90
_cell.angle_beta   90
_cell.angle_gamma   90
#
_symmetry.space_group_name_H-M   'P 21 21 21'
#
loop_
_entity.id
_entity.type
_entity.pdbx_description
1 polymer '2,4-dienoyl-CoA reductase'
2 non-polymer 'CHLORIDE ION'
3 non-polymer 'IRON/SULFUR CLUSTER'
4 non-polymer 'FLAVIN-ADENINE DINUCLEOTIDE'
5 non-polymer 'FLAVIN MONONUCLEOTIDE'
6 non-polymer 'NADP NICOTINAMIDE-ADENINE-DINUCLEOTIDE PHOSPHATE'
7 non-polymer '5-MERCAPTOETHANOL-2-DECENOYL-COENZYME A'
8 water water
#
_entity_poly.entity_id   1
_entity_poly.type   'polypeptide(L)'
_entity_poly.pdbx_seq_one_letter_code
;SYPSLFAPLDLGFTTLKNRVLMGSMHTGLEEYPDGAERLAAFYAERARHGVALIVSGGIAPDLTGVGMEGGAMLNDASQI
PHHRTITEAVHQEGGKIALQILHTGRYSYQPHLVAPSALQAPINRFVPHELSHEEILQLIDNFARCAQLAREAGYDGVEV
MGSEGYLINEFLTLRTNQRSDQWGGDYRNRMRFAVEVVRAVRERVGNDFIIIYRLSMLDLVEDGGTFAETVELAQAIEAA
GATIINTGIGWHEARIPTIATPVPRGAFSWVTRKLKGHVSLPLVTTNRINDPQVADDILSRGDADMVSMARPFLADAELL
SKAQSGRADEINTCIGCNQACLDQIFVGKVTSCLVNPRACHETKMPILPAVQKKNLAVVGAGPAGLAFAINAAARGHQVT
LFDAHSEIGGQFNIAKQIPGKEEFYETLRYYRRMIEVTGVTLKLNHTVTADQLQAFDETILASGIVPRTPPIDGIDHPKV
LSYLDVLRDKAPVGNKVAIIGCGGIGFDTAMYLSQPGESTSQNIAGFCNEWGIDSSLQQAGGLSPQGMQIPRSPRQIVML
QRKASKPGQGLGKTTGWIHRTTLLSRGVKMIPGVSYQKIDDDGLHVVINGETQVLAVDNVVICAGQEPNRALAQPLIDSG
KTVHLIGGCDVAMELDARRAIAQGTRLALEI
;
_entity_poly.pdbx_strand_id   A
#
# COMPACT_ATOMS: atom_id res chain seq x y z
N SER A 1 -11.71 -21.66 -11.47
CA SER A 1 -10.76 -22.67 -10.93
C SER A 1 -10.46 -22.31 -9.48
N TYR A 2 -11.27 -21.38 -8.96
CA TYR A 2 -11.15 -20.95 -7.58
C TYR A 2 -12.54 -21.14 -7.00
N PRO A 3 -12.96 -22.40 -6.78
CA PRO A 3 -14.25 -22.81 -6.24
C PRO A 3 -14.63 -22.15 -4.91
N SER A 4 -13.69 -22.14 -3.97
CA SER A 4 -13.94 -21.53 -2.66
C SER A 4 -14.13 -20.01 -2.79
N LEU A 5 -13.26 -19.37 -3.55
CA LEU A 5 -13.34 -17.92 -3.75
C LEU A 5 -14.72 -17.48 -4.25
N PHE A 6 -15.26 -18.18 -5.24
CA PHE A 6 -16.56 -17.82 -5.83
C PHE A 6 -17.83 -18.51 -5.31
N ALA A 7 -17.77 -19.04 -4.10
CA ALA A 7 -18.93 -19.68 -3.48
C ALA A 7 -19.79 -18.63 -2.77
N PRO A 8 -21.11 -18.65 -2.98
CA PRO A 8 -22.01 -17.68 -2.34
C PRO A 8 -21.96 -17.87 -0.82
N LEU A 9 -22.39 -16.86 -0.08
CA LEU A 9 -22.41 -16.95 1.39
C LEU A 9 -23.78 -16.49 1.86
N ASP A 10 -24.46 -17.34 2.62
CA ASP A 10 -25.79 -17.03 3.13
C ASP A 10 -25.74 -16.28 4.46
N LEU A 11 -26.30 -15.08 4.48
CA LEU A 11 -26.29 -14.28 5.70
C LEU A 11 -27.63 -14.30 6.43
N GLY A 12 -28.50 -15.24 6.06
CA GLY A 12 -29.80 -15.34 6.69
C GLY A 12 -30.87 -14.51 6.02
N PHE A 13 -30.65 -13.20 5.94
CA PHE A 13 -31.61 -12.28 5.34
C PHE A 13 -31.20 -11.77 3.96
N THR A 14 -30.00 -12.19 3.51
CA THR A 14 -29.51 -11.81 2.19
C THR A 14 -28.32 -12.71 1.85
N THR A 15 -27.90 -12.70 0.60
CA THR A 15 -26.78 -13.53 0.17
C THR A 15 -25.70 -12.74 -0.56
N LEU A 16 -24.44 -13.08 -0.32
CA LEU A 16 -23.35 -12.41 -1.02
C LEU A 16 -22.96 -13.35 -2.17
N LYS A 17 -22.85 -12.83 -3.38
CA LYS A 17 -22.53 -13.65 -4.55
C LYS A 17 -21.22 -14.46 -4.46
N ASN A 18 -20.26 -13.99 -3.66
CA ASN A 18 -19.01 -14.71 -3.49
C ASN A 18 -18.32 -14.32 -2.19
N ARG A 19 -17.17 -14.92 -1.92
CA ARG A 19 -16.45 -14.68 -0.68
C ARG A 19 -15.44 -13.54 -0.68
N VAL A 20 -15.60 -12.59 -1.61
CA VAL A 20 -14.66 -11.48 -1.68
C VAL A 20 -15.27 -10.16 -1.26
N LEU A 21 -14.57 -9.49 -0.38
CA LEU A 21 -15.01 -8.21 0.12
C LEU A 21 -13.99 -7.18 -0.29
N MET A 22 -14.43 -6.03 -0.79
CA MET A 22 -13.48 -4.99 -1.16
C MET A 22 -13.26 -4.17 0.09
N GLY A 23 -12.08 -4.34 0.68
CA GLY A 23 -11.73 -3.66 1.91
C GLY A 23 -11.89 -2.16 1.92
N SER A 24 -12.19 -1.63 3.09
CA SER A 24 -12.37 -0.21 3.30
C SER A 24 -11.12 0.59 2.91
N MET A 25 -11.32 1.66 2.14
CA MET A 25 -10.22 2.52 1.73
C MET A 25 -10.64 3.99 1.64
N HIS A 26 -10.08 4.81 2.51
CA HIS A 26 -10.38 6.24 2.46
C HIS A 26 -9.57 6.73 1.26
N THR A 27 -10.27 7.17 0.23
CA THR A 27 -9.65 7.63 -1.00
C THR A 27 -9.30 9.12 -1.01
N GLY A 28 -10.02 9.89 -0.21
CA GLY A 28 -9.79 11.32 -0.18
C GLY A 28 -10.80 12.01 -1.08
N LEU A 29 -11.60 11.22 -1.79
CA LEU A 29 -12.62 11.78 -2.65
C LEU A 29 -13.85 12.10 -1.82
N GLU A 30 -13.96 11.41 -0.68
CA GLU A 30 -15.09 11.59 0.23
C GLU A 30 -15.37 13.04 0.57
N GLU A 31 -14.30 13.82 0.78
CA GLU A 31 -14.45 15.23 1.09
C GLU A 31 -13.87 16.05 -0.05
N TYR A 32 -14.29 15.73 -1.27
CA TYR A 32 -13.81 16.40 -2.47
C TYR A 32 -14.98 16.91 -3.31
N PRO A 33 -14.76 17.97 -4.11
CA PRO A 33 -15.78 18.57 -4.98
C PRO A 33 -16.83 17.63 -5.57
N ASP A 34 -16.45 16.84 -6.56
CA ASP A 34 -17.38 15.91 -7.16
C ASP A 34 -17.05 14.48 -6.77
N GLY A 35 -16.77 14.30 -5.48
CA GLY A 35 -16.42 12.98 -4.97
C GLY A 35 -17.55 11.99 -5.20
N ALA A 36 -18.75 12.37 -4.81
CA ALA A 36 -19.91 11.50 -4.97
C ALA A 36 -19.95 10.87 -6.36
N GLU A 37 -19.77 11.68 -7.41
CA GLU A 37 -19.81 11.17 -8.76
C GLU A 37 -18.60 10.33 -9.13
N ARG A 38 -17.43 10.72 -8.61
CA ARG A 38 -16.21 9.97 -8.88
C ARG A 38 -16.18 8.64 -8.13
N LEU A 39 -16.59 8.64 -6.86
CA LEU A 39 -16.63 7.41 -6.06
C LEU A 39 -17.65 6.46 -6.64
N ALA A 40 -18.74 7.02 -7.14
CA ALA A 40 -19.81 6.23 -7.72
C ALA A 40 -19.29 5.42 -8.89
N ALA A 41 -18.51 6.05 -9.76
CA ALA A 41 -17.96 5.35 -10.91
C ALA A 41 -16.79 4.45 -10.49
N PHE A 42 -16.07 4.87 -9.46
CA PHE A 42 -14.94 4.10 -8.95
C PHE A 42 -15.45 2.74 -8.47
N TYR A 43 -16.46 2.79 -7.61
CA TYR A 43 -17.07 1.58 -7.03
C TYR A 43 -17.86 0.76 -8.04
N ALA A 44 -18.66 1.43 -8.88
CA ALA A 44 -19.46 0.74 -9.86
C ALA A 44 -18.61 -0.19 -10.72
N GLU A 45 -17.42 0.25 -11.09
CA GLU A 45 -16.59 -0.63 -11.91
C GLU A 45 -16.18 -1.91 -11.16
N ARG A 46 -15.94 -1.82 -9.84
CA ARG A 46 -15.55 -3.01 -9.10
C ARG A 46 -16.75 -3.94 -8.92
N ALA A 47 -17.92 -3.33 -8.74
CA ALA A 47 -19.15 -4.09 -8.58
C ALA A 47 -19.50 -4.74 -9.92
N ARG A 48 -19.21 -4.04 -11.02
CA ARG A 48 -19.49 -4.58 -12.34
C ARG A 48 -18.61 -5.79 -12.60
N HIS A 49 -17.49 -5.86 -11.91
CA HIS A 49 -16.59 -6.99 -12.11
C HIS A 49 -16.54 -8.03 -11.01
N GLY A 50 -17.67 -8.22 -10.33
CA GLY A 50 -17.75 -9.27 -9.32
C GLY A 50 -17.69 -9.08 -7.81
N VAL A 51 -17.16 -7.97 -7.33
CA VAL A 51 -17.07 -7.79 -5.88
C VAL A 51 -18.42 -8.02 -5.22
N ALA A 52 -18.49 -8.99 -4.32
CA ALA A 52 -19.75 -9.29 -3.65
C ALA A 52 -20.19 -8.17 -2.73
N LEU A 53 -19.27 -7.69 -1.91
CA LEU A 53 -19.57 -6.61 -0.98
C LEU A 53 -18.41 -5.64 -0.89
N ILE A 54 -18.71 -4.35 -1.01
CA ILE A 54 -17.71 -3.32 -0.93
C ILE A 54 -17.90 -2.59 0.39
N VAL A 55 -16.80 -2.17 1.00
CA VAL A 55 -16.89 -1.39 2.23
C VAL A 55 -16.25 -0.06 1.86
N SER A 56 -16.97 1.03 2.05
CA SER A 56 -16.46 2.36 1.70
C SER A 56 -15.32 2.74 2.62
N GLY A 57 -14.64 3.84 2.29
CA GLY A 57 -13.57 4.31 3.14
C GLY A 57 -14.19 4.77 4.45
N GLY A 58 -13.39 4.88 5.49
CA GLY A 58 -13.90 5.31 6.78
C GLY A 58 -14.54 6.69 6.75
N ILE A 59 -15.68 6.84 7.44
CA ILE A 59 -16.40 8.11 7.51
C ILE A 59 -16.78 8.38 8.96
N ALA A 60 -16.54 9.60 9.41
CA ALA A 60 -16.84 10.00 10.79
C ALA A 60 -18.33 10.08 11.13
N PRO A 61 -18.69 9.66 12.35
CA PRO A 61 -20.06 9.65 12.88
C PRO A 61 -20.40 11.05 13.38
N ASP A 62 -19.40 11.73 13.90
CA ASP A 62 -19.56 13.08 14.42
C ASP A 62 -18.43 13.95 13.87
N LEU A 63 -18.18 15.07 14.52
CA LEU A 63 -17.15 16.00 14.08
C LEU A 63 -15.79 15.69 14.70
N THR A 64 -15.77 15.19 15.93
CA THR A 64 -14.52 14.87 16.61
C THR A 64 -13.84 13.62 16.06
N GLY A 65 -14.53 12.88 15.20
CA GLY A 65 -13.97 11.66 14.66
C GLY A 65 -13.31 11.71 13.29
N VAL A 66 -13.49 12.82 12.57
CA VAL A 66 -12.89 12.95 11.25
C VAL A 66 -11.40 12.67 11.27
N GLY A 67 -10.81 12.42 10.10
CA GLY A 67 -9.39 12.13 10.02
C GLY A 67 -8.52 13.37 10.01
N MET A 68 -8.93 14.37 9.26
CA MET A 68 -8.22 15.65 9.14
C MET A 68 -9.30 16.72 9.08
N GLU A 69 -8.97 17.97 9.42
CA GLU A 69 -9.97 19.03 9.38
C GLU A 69 -10.72 19.03 8.05
N GLY A 70 -12.05 19.05 8.13
CA GLY A 70 -12.88 19.05 6.94
C GLY A 70 -13.06 17.65 6.37
N GLY A 71 -12.63 16.65 7.15
CA GLY A 71 -12.74 15.27 6.72
C GLY A 71 -14.14 14.72 6.52
N ALA A 72 -14.24 13.64 5.77
CA ALA A 72 -15.51 12.97 5.48
C ALA A 72 -16.31 12.73 6.74
N MET A 73 -17.61 13.00 6.64
CA MET A 73 -18.50 12.85 7.77
C MET A 73 -19.93 12.64 7.27
N LEU A 74 -20.74 11.90 8.03
CA LEU A 74 -22.12 11.68 7.66
C LEU A 74 -22.98 11.88 8.90
N ASN A 75 -23.47 13.09 9.08
CA ASN A 75 -24.29 13.42 10.25
C ASN A 75 -25.49 14.31 9.96
N ASP A 76 -25.96 14.30 8.71
CA ASP A 76 -27.10 15.13 8.35
C ASP A 76 -27.81 14.62 7.10
N ALA A 77 -29.12 14.46 7.21
CA ALA A 77 -29.95 13.98 6.10
C ALA A 77 -29.61 14.68 4.79
N SER A 78 -29.00 15.85 4.89
CA SER A 78 -28.62 16.61 3.72
C SER A 78 -27.55 15.91 2.89
N GLN A 79 -26.73 15.11 3.56
CA GLN A 79 -25.66 14.38 2.90
C GLN A 79 -26.12 13.10 2.22
N ILE A 80 -27.40 12.79 2.35
CA ILE A 80 -27.96 11.57 1.77
C ILE A 80 -27.90 11.49 0.24
N PRO A 81 -28.25 12.58 -0.47
CA PRO A 81 -28.18 12.50 -1.93
C PRO A 81 -26.77 12.13 -2.39
N HIS A 82 -25.77 12.59 -1.64
CA HIS A 82 -24.37 12.31 -1.93
C HIS A 82 -24.18 10.80 -2.02
N HIS A 83 -24.48 10.11 -0.92
CA HIS A 83 -24.35 8.68 -0.82
C HIS A 83 -25.35 7.94 -1.70
N ARG A 84 -26.53 8.50 -1.86
CA ARG A 84 -27.54 7.84 -2.68
C ARG A 84 -26.97 7.67 -4.09
N THR A 85 -26.22 8.67 -4.54
CA THR A 85 -25.59 8.63 -5.86
C THR A 85 -24.62 7.46 -5.96
N ILE A 86 -24.02 7.12 -4.82
CA ILE A 86 -23.06 6.03 -4.77
C ILE A 86 -23.70 4.65 -4.70
N THR A 87 -24.59 4.45 -3.72
CA THR A 87 -25.24 3.15 -3.56
C THR A 87 -25.99 2.74 -4.81
N GLU A 88 -26.59 3.72 -5.51
CA GLU A 88 -27.33 3.42 -6.74
C GLU A 88 -26.44 3.04 -7.90
N ALA A 89 -25.23 3.60 -7.95
CA ALA A 89 -24.32 3.25 -9.03
C ALA A 89 -23.87 1.79 -8.83
N VAL A 90 -23.65 1.41 -7.58
CA VAL A 90 -23.23 0.05 -7.24
C VAL A 90 -24.36 -0.97 -7.46
N HIS A 91 -25.57 -0.60 -7.04
CA HIS A 91 -26.72 -1.49 -7.20
C HIS A 91 -27.07 -1.75 -8.66
N GLN A 92 -26.90 -0.72 -9.50
CA GLN A 92 -27.19 -0.88 -10.92
C GLN A 92 -26.30 -1.94 -11.54
N GLU A 93 -25.10 -2.10 -10.99
CA GLU A 93 -24.16 -3.08 -11.49
C GLU A 93 -24.34 -4.45 -10.84
N GLY A 94 -25.28 -4.54 -9.91
CA GLY A 94 -25.54 -5.81 -9.25
C GLY A 94 -24.66 -6.11 -8.04
N GLY A 95 -24.09 -5.07 -7.46
CA GLY A 95 -23.24 -5.28 -6.31
C GLY A 95 -23.89 -4.78 -5.04
N LYS A 96 -23.14 -4.81 -3.96
CA LYS A 96 -23.62 -4.32 -2.68
C LYS A 96 -22.52 -3.46 -2.10
N ILE A 97 -22.89 -2.56 -1.19
CA ILE A 97 -21.90 -1.70 -0.58
C ILE A 97 -22.34 -1.32 0.83
N ALA A 98 -21.40 -1.34 1.76
CA ALA A 98 -21.65 -0.98 3.14
C ALA A 98 -20.80 0.25 3.43
N LEU A 99 -21.23 1.06 4.38
CA LEU A 99 -20.48 2.26 4.74
C LEU A 99 -19.74 2.01 6.02
N GLN A 100 -18.46 2.38 6.07
CA GLN A 100 -17.70 2.19 7.29
C GLN A 100 -17.86 3.41 8.18
N ILE A 101 -18.17 3.17 9.45
CA ILE A 101 -18.31 4.25 10.41
C ILE A 101 -17.03 4.25 11.21
N LEU A 102 -16.22 5.28 10.99
CA LEU A 102 -14.94 5.38 11.67
C LEU A 102 -14.72 6.69 12.41
N HIS A 103 -14.36 6.56 13.67
CA HIS A 103 -14.05 7.70 14.52
C HIS A 103 -12.58 7.48 14.83
N THR A 104 -11.75 8.41 14.38
CA THR A 104 -10.30 8.30 14.54
C THR A 104 -9.70 8.48 15.92
N GLY A 105 -10.53 8.76 16.93
CA GLY A 105 -10.02 8.92 18.28
C GLY A 105 -8.78 9.77 18.40
N ARG A 106 -7.81 9.33 19.19
CA ARG A 106 -6.59 10.12 19.39
C ARG A 106 -5.71 10.18 18.15
N TYR A 107 -6.19 9.68 17.02
CA TYR A 107 -5.40 9.71 15.79
C TYR A 107 -5.77 10.84 14.84
N SER A 108 -6.95 11.44 15.00
CA SER A 108 -7.35 12.53 14.12
C SER A 108 -6.37 13.70 14.21
N TYR A 109 -5.94 14.21 13.06
CA TYR A 109 -5.01 15.33 13.04
C TYR A 109 -5.80 16.63 13.18
N GLN A 110 -6.44 16.75 14.33
CA GLN A 110 -7.26 17.90 14.67
C GLN A 110 -7.14 18.17 16.18
N PRO A 111 -7.14 19.46 16.56
CA PRO A 111 -7.03 19.93 17.95
C PRO A 111 -8.10 19.43 18.94
N HIS A 112 -9.31 19.22 18.45
CA HIS A 112 -10.41 18.78 19.30
C HIS A 112 -10.56 17.25 19.40
N LEU A 113 -9.51 16.52 19.05
CA LEU A 113 -9.56 15.06 19.11
C LEU A 113 -9.95 14.57 20.51
N VAL A 114 -10.74 13.50 20.56
CA VAL A 114 -11.17 12.93 21.84
C VAL A 114 -10.71 11.48 21.96
N ALA A 115 -10.45 11.04 23.17
CA ALA A 115 -10.00 9.67 23.44
C ALA A 115 -10.49 9.19 24.80
N PRO A 116 -10.24 7.92 25.14
CA PRO A 116 -10.68 7.41 26.44
C PRO A 116 -9.95 8.10 27.58
N SER A 117 -8.70 8.49 27.33
CA SER A 117 -7.88 9.16 28.33
C SER A 117 -6.96 10.17 27.68
N ALA A 118 -6.48 11.12 28.47
CA ALA A 118 -5.58 12.15 27.96
C ALA A 118 -4.18 11.59 27.74
N LEU A 119 -4.03 10.71 26.75
CA LEU A 119 -2.74 10.10 26.45
C LEU A 119 -2.36 10.35 25.00
N GLN A 120 -1.34 11.18 24.80
CA GLN A 120 -0.89 11.52 23.47
C GLN A 120 -0.35 10.34 22.67
N ALA A 121 -0.66 10.33 21.38
CA ALA A 121 -0.20 9.28 20.50
C ALA A 121 1.25 9.56 20.13
N PRO A 122 2.04 8.50 19.90
CA PRO A 122 3.45 8.67 19.54
C PRO A 122 3.59 9.29 18.15
N ILE A 123 2.52 9.24 17.38
CA ILE A 123 2.53 9.77 16.02
C ILE A 123 1.56 10.93 15.79
N ASN A 124 1.09 11.55 16.87
CA ASN A 124 0.17 12.67 16.77
C ASN A 124 0.67 13.84 17.62
N ARG A 125 0.59 15.06 17.09
CA ARG A 125 1.06 16.23 17.82
C ARG A 125 0.06 16.77 18.83
N PHE A 126 -1.20 16.36 18.71
CA PHE A 126 -2.24 16.83 19.61
C PHE A 126 -2.48 15.94 20.82
N VAL A 127 -2.93 16.55 21.91
CA VAL A 127 -3.24 15.83 23.14
C VAL A 127 -4.76 15.70 23.14
N PRO A 128 -5.28 14.47 23.21
CA PRO A 128 -6.72 14.27 23.22
C PRO A 128 -7.44 14.67 24.50
N HIS A 129 -8.72 15.00 24.35
CA HIS A 129 -9.57 15.38 25.48
C HIS A 129 -10.23 14.12 26.01
N GLU A 130 -10.00 13.82 27.28
CA GLU A 130 -10.58 12.63 27.90
C GLU A 130 -12.09 12.74 27.99
N LEU A 131 -12.77 11.97 27.13
CA LEU A 131 -14.23 11.96 27.08
C LEU A 131 -14.91 11.83 28.45
N SER A 132 -16.09 12.42 28.55
CA SER A 132 -16.87 12.37 29.77
C SER A 132 -17.95 11.32 29.55
N HIS A 133 -18.47 10.78 30.65
CA HIS A 133 -19.50 9.76 30.57
C HIS A 133 -20.63 10.14 29.60
N GLU A 134 -21.19 11.35 29.75
CA GLU A 134 -22.28 11.79 28.89
C GLU A 134 -21.86 11.99 27.43
N GLU A 135 -20.60 12.35 27.21
CA GLU A 135 -20.10 12.53 25.86
C GLU A 135 -20.03 11.19 25.13
N ILE A 136 -19.65 10.16 25.87
CA ILE A 136 -19.53 8.81 25.34
C ILE A 136 -20.93 8.30 24.94
N LEU A 137 -21.92 8.58 25.79
CA LEU A 137 -23.28 8.18 25.49
C LEU A 137 -23.74 8.84 24.19
N GLN A 138 -23.36 10.10 24.02
CA GLN A 138 -23.73 10.84 22.82
C GLN A 138 -23.01 10.27 21.60
N LEU A 139 -21.75 9.92 21.76
CA LEU A 139 -20.98 9.33 20.66
C LEU A 139 -21.69 8.05 20.24
N ILE A 140 -22.09 7.26 21.23
CA ILE A 140 -22.77 6.00 20.95
C ILE A 140 -24.05 6.26 20.16
N ASP A 141 -24.75 7.34 20.48
CA ASP A 141 -25.98 7.65 19.75
C ASP A 141 -25.58 8.19 18.38
N ASN A 142 -24.41 8.82 18.28
CA ASN A 142 -23.94 9.34 17.01
C ASN A 142 -23.64 8.23 15.99
N PHE A 143 -23.11 7.10 16.47
CA PHE A 143 -22.83 5.97 15.60
C PHE A 143 -24.14 5.45 15.03
N ALA A 144 -25.17 5.38 15.88
CA ALA A 144 -26.48 4.91 15.46
C ALA A 144 -27.05 5.85 14.39
N ARG A 145 -26.92 7.15 14.66
CA ARG A 145 -27.39 8.16 13.72
C ARG A 145 -26.70 7.93 12.39
N CYS A 146 -25.39 7.74 12.44
CA CYS A 146 -24.60 7.51 11.24
C CYS A 146 -25.15 6.34 10.43
N ALA A 147 -25.42 5.22 11.11
CA ALA A 147 -25.95 4.04 10.43
C ALA A 147 -27.35 4.31 9.88
N GLN A 148 -28.18 5.02 10.65
CA GLN A 148 -29.54 5.32 10.21
C GLN A 148 -29.45 6.04 8.87
N LEU A 149 -28.57 7.03 8.79
CA LEU A 149 -28.36 7.80 7.56
C LEU A 149 -27.87 6.91 6.43
N ALA A 150 -26.89 6.06 6.73
CA ALA A 150 -26.33 5.15 5.71
C ALA A 150 -27.44 4.30 5.12
N ARG A 151 -28.28 3.75 6.00
CA ARG A 151 -29.39 2.91 5.56
C ARG A 151 -30.35 3.74 4.71
N GLU A 152 -30.59 4.98 5.14
CA GLU A 152 -31.50 5.84 4.38
C GLU A 152 -30.92 6.11 3.00
N ALA A 153 -29.60 6.23 2.94
CA ALA A 153 -28.91 6.48 1.67
C ALA A 153 -28.95 5.28 0.74
N GLY A 154 -29.41 4.15 1.26
CA GLY A 154 -29.49 2.95 0.44
C GLY A 154 -28.32 1.98 0.54
N TYR A 155 -27.48 2.14 1.57
CA TYR A 155 -26.35 1.22 1.74
C TYR A 155 -26.91 -0.13 2.16
N ASP A 156 -26.18 -1.20 1.87
CA ASP A 156 -26.60 -2.54 2.24
C ASP A 156 -26.25 -2.84 3.67
N GLY A 157 -25.41 -2.00 4.24
CA GLY A 157 -25.00 -2.18 5.62
C GLY A 157 -23.95 -1.19 6.03
N VAL A 158 -23.33 -1.41 7.19
CA VAL A 158 -22.29 -0.53 7.68
C VAL A 158 -21.23 -1.38 8.37
N GLU A 159 -20.02 -0.83 8.47
CA GLU A 159 -18.94 -1.49 9.15
C GLU A 159 -18.56 -0.58 10.30
N VAL A 160 -18.60 -1.11 11.51
CA VAL A 160 -18.22 -0.36 12.69
C VAL A 160 -16.74 -0.68 12.83
N MET A 161 -15.90 0.32 12.66
CA MET A 161 -14.45 0.14 12.73
C MET A 161 -13.87 0.17 14.13
N GLY A 162 -13.54 -1.02 14.65
CA GLY A 162 -12.99 -1.10 15.99
C GLY A 162 -11.54 -1.52 16.08
N SER A 163 -10.75 -1.20 15.06
CA SER A 163 -9.34 -1.60 15.05
C SER A 163 -8.37 -0.51 14.65
N GLU A 164 -7.14 -0.93 14.33
CA GLU A 164 -6.04 -0.08 13.91
C GLU A 164 -5.65 1.00 14.89
N GLY A 165 -6.13 0.88 16.12
CA GLY A 165 -5.80 1.85 17.14
C GLY A 165 -6.68 3.09 17.18
N TYR A 166 -7.80 3.07 16.47
CA TYR A 166 -8.70 4.22 16.48
C TYR A 166 -9.55 4.25 17.76
N LEU A 167 -10.52 5.15 17.85
CA LEU A 167 -11.34 5.30 19.06
C LEU A 167 -11.81 4.01 19.75
N ILE A 168 -12.72 3.29 19.12
CA ILE A 168 -13.21 2.06 19.74
C ILE A 168 -12.08 1.15 20.21
N ASN A 169 -11.08 0.96 19.35
CA ASN A 169 -9.94 0.10 19.67
C ASN A 169 -9.26 0.63 20.94
N GLU A 170 -9.11 1.95 21.04
CA GLU A 170 -8.45 2.58 22.19
C GLU A 170 -9.13 2.31 23.53
N PHE A 171 -10.47 2.25 23.53
CA PHE A 171 -11.18 1.97 24.77
C PHE A 171 -10.84 0.57 25.31
N LEU A 172 -10.55 -0.34 24.39
CA LEU A 172 -10.24 -1.73 24.76
C LEU A 172 -8.91 -2.00 25.45
N THR A 173 -7.85 -1.29 25.06
CA THR A 173 -6.54 -1.52 25.64
C THR A 173 -6.13 -0.61 26.77
N LEU A 174 -5.45 -1.18 27.75
CA LEU A 174 -4.98 -0.43 28.92
C LEU A 174 -3.82 0.48 28.50
N ARG A 175 -3.40 0.37 27.25
CA ARG A 175 -2.31 1.19 26.72
C ARG A 175 -2.83 2.60 26.46
N THR A 176 -4.12 2.69 26.17
CA THR A 176 -4.75 3.96 25.88
C THR A 176 -5.90 4.29 26.81
N ASN A 177 -6.42 3.27 27.50
CA ASN A 177 -7.52 3.49 28.43
C ASN A 177 -7.11 3.33 29.88
N GLN A 178 -7.07 4.44 30.61
CA GLN A 178 -6.70 4.41 32.02
C GLN A 178 -7.85 4.92 32.90
N ARG A 179 -9.07 4.87 32.38
CA ARG A 179 -10.22 5.34 33.13
C ARG A 179 -10.48 4.46 34.36
N SER A 180 -11.07 5.08 35.39
CA SER A 180 -11.44 4.39 36.62
C SER A 180 -12.96 4.27 36.52
N ASP A 181 -13.48 4.90 35.47
CA ASP A 181 -14.89 4.96 35.13
C ASP A 181 -15.48 3.57 34.86
N GLN A 182 -16.72 3.54 34.40
CA GLN A 182 -17.39 2.29 34.08
C GLN A 182 -17.01 1.87 32.66
N TRP A 183 -16.19 2.71 32.01
CA TRP A 183 -15.74 2.44 30.66
C TRP A 183 -14.27 2.07 30.71
N GLY A 184 -13.77 1.88 31.93
CA GLY A 184 -12.37 1.51 32.12
C GLY A 184 -12.24 0.48 33.23
N GLY A 185 -11.00 0.15 33.59
CA GLY A 185 -10.78 -0.83 34.64
C GLY A 185 -10.64 -2.23 34.09
N ASP A 186 -11.56 -3.12 34.46
CA ASP A 186 -11.51 -4.49 33.99
C ASP A 186 -11.98 -4.56 32.54
N TYR A 187 -11.62 -5.64 31.86
CA TYR A 187 -11.98 -5.81 30.46
C TYR A 187 -13.48 -5.69 30.16
N ARG A 188 -14.32 -6.10 31.10
CA ARG A 188 -15.77 -6.01 30.88
C ARG A 188 -16.22 -4.58 30.67
N ASN A 189 -15.58 -3.64 31.35
CA ASN A 189 -15.94 -2.23 31.21
C ASN A 189 -15.33 -1.69 29.93
N ARG A 190 -14.13 -2.18 29.60
CA ARG A 190 -13.46 -1.71 28.40
C ARG A 190 -14.17 -2.07 27.11
N MET A 191 -14.88 -3.21 27.12
CA MET A 191 -15.63 -3.68 25.96
C MET A 191 -16.95 -2.94 25.83
N ARG A 192 -17.42 -2.40 26.94
CA ARG A 192 -18.71 -1.71 26.98
C ARG A 192 -18.96 -0.80 25.78
N PHE A 193 -17.99 0.03 25.43
CA PHE A 193 -18.15 0.95 24.31
C PHE A 193 -18.37 0.24 22.97
N ALA A 194 -17.50 -0.70 22.61
CA ALA A 194 -17.65 -1.39 21.34
C ALA A 194 -18.99 -2.13 21.25
N VAL A 195 -19.32 -2.85 22.31
CA VAL A 195 -20.55 -3.60 22.36
C VAL A 195 -21.76 -2.67 22.29
N GLU A 196 -21.71 -1.59 23.06
CA GLU A 196 -22.82 -0.63 23.09
C GLU A 196 -23.01 0.04 21.74
N VAL A 197 -21.91 0.25 21.02
CA VAL A 197 -22.01 0.89 19.71
C VAL A 197 -22.77 -0.01 18.75
N VAL A 198 -22.34 -1.27 18.65
CA VAL A 198 -22.98 -2.23 17.76
C VAL A 198 -24.44 -2.52 18.16
N ARG A 199 -24.69 -2.53 19.46
CA ARG A 199 -26.04 -2.78 19.97
C ARG A 199 -26.95 -1.60 19.64
N ALA A 200 -26.42 -0.38 19.70
CA ALA A 200 -27.23 0.80 19.39
C ALA A 200 -27.47 0.85 17.88
N VAL A 201 -26.50 0.41 17.10
CA VAL A 201 -26.65 0.41 15.65
C VAL A 201 -27.68 -0.63 15.23
N ARG A 202 -27.56 -1.84 15.77
CA ARG A 202 -28.49 -2.90 15.43
C ARG A 202 -29.95 -2.50 15.70
N GLU A 203 -30.20 -1.98 16.89
CA GLU A 203 -31.56 -1.57 17.26
C GLU A 203 -32.13 -0.53 16.29
N ARG A 204 -31.30 0.45 15.94
CA ARG A 204 -31.67 1.53 15.05
C ARG A 204 -32.02 1.16 13.61
N VAL A 205 -31.29 0.20 13.03
CA VAL A 205 -31.52 -0.20 11.65
C VAL A 205 -32.37 -1.43 11.43
N GLY A 206 -32.67 -2.17 12.51
CA GLY A 206 -33.46 -3.38 12.34
C GLY A 206 -32.58 -4.58 12.06
N ASN A 207 -33.21 -5.74 11.85
CA ASN A 207 -32.50 -7.00 11.62
C ASN A 207 -31.99 -7.21 10.18
N ASP A 208 -32.74 -6.72 9.20
CA ASP A 208 -32.34 -6.87 7.80
C ASP A 208 -31.32 -5.83 7.34
N PHE A 209 -30.18 -5.79 8.00
CA PHE A 209 -29.12 -4.84 7.67
C PHE A 209 -27.78 -5.46 8.04
N ILE A 210 -26.85 -5.51 7.07
CA ILE A 210 -25.53 -6.09 7.33
C ILE A 210 -24.70 -5.22 8.25
N ILE A 211 -24.24 -5.80 9.36
CA ILE A 211 -23.39 -5.06 10.28
C ILE A 211 -22.05 -5.78 10.37
N ILE A 212 -20.98 -5.11 9.96
CA ILE A 212 -19.66 -5.69 10.02
C ILE A 212 -18.91 -5.00 11.15
N TYR A 213 -18.17 -5.77 11.92
CA TYR A 213 -17.38 -5.18 12.98
C TYR A 213 -15.95 -5.54 12.67
N ARG A 214 -15.09 -4.56 12.45
CA ARG A 214 -13.70 -4.86 12.18
C ARG A 214 -12.98 -4.99 13.53
N LEU A 215 -12.81 -6.24 13.95
CA LEU A 215 -12.17 -6.57 15.23
C LEU A 215 -10.65 -6.58 15.15
N SER A 216 -10.00 -5.96 16.14
CA SER A 216 -8.53 -5.95 16.17
C SER A 216 -8.08 -7.23 16.85
N MET A 217 -7.53 -8.14 16.07
CA MET A 217 -7.09 -9.42 16.59
C MET A 217 -5.59 -9.48 16.92
N LEU A 218 -4.88 -8.45 16.50
CA LEU A 218 -3.46 -8.37 16.72
C LEU A 218 -3.05 -6.91 16.74
N ASP A 219 -3.14 -6.30 17.92
CA ASP A 219 -2.80 -4.89 18.14
C ASP A 219 -1.36 -4.57 17.73
N LEU A 220 -0.40 -5.39 18.16
CA LEU A 220 1.02 -5.19 17.83
C LEU A 220 1.68 -4.02 18.59
N VAL A 221 1.08 -3.65 19.72
CA VAL A 221 1.62 -2.59 20.57
C VAL A 221 1.65 -3.08 22.01
N GLU A 222 2.59 -2.56 22.79
CA GLU A 222 2.72 -2.95 24.19
C GLU A 222 1.41 -2.63 24.90
N ASP A 223 0.99 -3.54 25.77
CA ASP A 223 -0.26 -3.38 26.51
C ASP A 223 -1.50 -3.54 25.63
N GLY A 224 -1.34 -4.23 24.50
CA GLY A 224 -2.49 -4.45 23.64
C GLY A 224 -3.29 -5.57 24.26
N GLY A 225 -4.25 -6.14 23.53
CA GLY A 225 -5.05 -7.21 24.09
C GLY A 225 -4.47 -8.61 23.98
N THR A 226 -5.09 -9.55 24.69
CA THR A 226 -4.68 -10.95 24.67
C THR A 226 -5.70 -11.69 23.81
N PHE A 227 -5.39 -12.90 23.40
CA PHE A 227 -6.32 -13.64 22.57
C PHE A 227 -7.60 -13.94 23.35
N ALA A 228 -7.48 -14.17 24.65
CA ALA A 228 -8.65 -14.46 25.46
C ALA A 228 -9.61 -13.27 25.42
N GLU A 229 -9.06 -12.06 25.43
CA GLU A 229 -9.89 -10.86 25.39
C GLU A 229 -10.50 -10.75 23.98
N THR A 230 -9.67 -10.99 22.96
CA THR A 230 -10.15 -10.95 21.59
C THR A 230 -11.37 -11.86 21.42
N VAL A 231 -11.29 -13.06 21.97
CA VAL A 231 -12.38 -14.02 21.87
C VAL A 231 -13.63 -13.58 22.63
N GLU A 232 -13.45 -13.11 23.86
CA GLU A 232 -14.59 -12.65 24.64
C GLU A 232 -15.30 -11.52 23.91
N LEU A 233 -14.54 -10.59 23.34
CA LEU A 233 -15.14 -9.48 22.62
C LEU A 233 -15.87 -9.96 21.38
N ALA A 234 -15.25 -10.86 20.63
CA ALA A 234 -15.89 -11.40 19.42
C ALA A 234 -17.27 -11.97 19.74
N GLN A 235 -17.35 -12.79 20.78
CA GLN A 235 -18.61 -13.40 21.17
C GLN A 235 -19.56 -12.31 21.67
N ALA A 236 -19.00 -11.29 22.31
CA ALA A 236 -19.81 -10.19 22.80
C ALA A 236 -20.43 -9.47 21.62
N ILE A 237 -19.62 -9.18 20.59
CA ILE A 237 -20.07 -8.48 19.39
C ILE A 237 -21.09 -9.29 18.58
N GLU A 238 -20.98 -10.61 18.66
CA GLU A 238 -21.90 -11.49 17.96
C GLU A 238 -23.27 -11.33 18.61
N ALA A 239 -23.30 -11.43 19.93
CA ALA A 239 -24.52 -11.29 20.69
C ALA A 239 -25.08 -9.87 20.58
N ALA A 240 -24.21 -8.91 20.30
CA ALA A 240 -24.65 -7.52 20.17
C ALA A 240 -25.43 -7.32 18.86
N GLY A 241 -25.25 -8.24 17.91
CA GLY A 241 -25.97 -8.15 16.66
C GLY A 241 -25.17 -8.04 15.37
N ALA A 242 -23.86 -8.21 15.43
CA ALA A 242 -23.06 -8.11 14.20
C ALA A 242 -23.43 -9.23 13.25
N THR A 243 -23.30 -8.97 11.95
CA THR A 243 -23.59 -9.94 10.91
C THR A 243 -22.31 -10.65 10.53
N ILE A 244 -21.22 -9.88 10.48
CA ILE A 244 -19.92 -10.39 10.08
C ILE A 244 -18.81 -9.75 10.88
N ILE A 245 -17.76 -10.50 11.18
CA ILE A 245 -16.63 -9.94 11.89
C ILE A 245 -15.43 -9.90 10.93
N ASN A 246 -14.86 -8.73 10.75
CA ASN A 246 -13.71 -8.56 9.86
C ASN A 246 -12.44 -8.47 10.69
N THR A 247 -11.31 -8.79 10.08
CA THR A 247 -10.04 -8.77 10.79
C THR A 247 -9.28 -7.46 10.70
N GLY A 248 -8.73 -7.04 11.84
CA GLY A 248 -7.93 -5.83 11.92
C GLY A 248 -6.57 -6.21 12.47
N ILE A 249 -5.51 -5.79 11.79
CA ILE A 249 -4.16 -6.11 12.22
C ILE A 249 -3.34 -4.84 12.48
N GLY A 250 -2.73 -4.77 13.66
CA GLY A 250 -1.89 -3.64 14.02
C GLY A 250 -2.53 -2.30 14.32
N TRP A 251 -1.69 -1.37 14.74
CA TRP A 251 -2.07 0.01 15.05
C TRP A 251 -1.17 0.85 14.19
N HIS A 252 -1.56 2.09 13.91
CA HIS A 252 -0.70 2.95 13.11
C HIS A 252 0.66 3.18 13.80
N GLU A 253 0.66 3.18 15.13
CA GLU A 253 1.89 3.39 15.93
C GLU A 253 2.76 2.15 15.96
N ALA A 254 2.19 0.99 15.64
CA ALA A 254 2.94 -0.25 15.68
C ALA A 254 4.23 -0.19 14.88
N ARG A 255 5.32 -0.62 15.50
CA ARG A 255 6.62 -0.61 14.84
C ARG A 255 6.88 -1.92 14.09
N ILE A 256 5.80 -2.57 13.66
CA ILE A 256 5.89 -3.81 12.90
C ILE A 256 5.06 -3.58 11.62
N PRO A 257 5.63 -3.88 10.45
CA PRO A 257 4.94 -3.69 9.17
C PRO A 257 3.74 -4.63 9.06
N THR A 258 2.61 -4.10 8.59
CA THR A 258 1.40 -4.91 8.42
C THR A 258 0.89 -4.97 6.99
N ILE A 259 1.23 -4.01 6.13
CA ILE A 259 0.73 -4.07 4.75
C ILE A 259 1.75 -3.83 3.65
N ALA A 260 2.93 -3.32 3.99
CA ALA A 260 3.93 -3.03 2.98
C ALA A 260 4.45 -4.29 2.26
N THR A 261 5.14 -4.09 1.15
CA THR A 261 5.68 -5.18 0.35
C THR A 261 6.53 -6.21 1.09
N PRO A 262 7.28 -5.79 2.13
CA PRO A 262 8.10 -6.78 2.84
C PRO A 262 7.22 -7.80 3.56
N VAL A 263 5.95 -7.46 3.74
CA VAL A 263 4.99 -8.33 4.40
C VAL A 263 4.58 -9.46 3.45
N PRO A 264 4.80 -10.72 3.88
CA PRO A 264 4.45 -11.85 3.02
C PRO A 264 2.95 -11.96 2.70
N ARG A 265 2.66 -12.57 1.55
CA ARG A 265 1.29 -12.76 1.10
C ARG A 265 0.49 -13.53 2.14
N GLY A 266 -0.69 -13.04 2.45
CA GLY A 266 -1.55 -13.71 3.42
C GLY A 266 -0.86 -13.94 4.75
N ALA A 267 0.05 -13.03 5.11
CA ALA A 267 0.81 -13.12 6.34
C ALA A 267 0.00 -13.24 7.63
N PHE A 268 -1.25 -12.79 7.62
CA PHE A 268 -2.04 -12.85 8.85
C PHE A 268 -3.30 -13.71 8.82
N SER A 269 -3.38 -14.61 7.84
CA SER A 269 -4.53 -15.51 7.76
C SER A 269 -4.59 -16.38 9.00
N TRP A 270 -3.42 -16.77 9.51
CA TRP A 270 -3.37 -17.63 10.70
C TRP A 270 -4.07 -17.00 11.90
N VAL A 271 -4.05 -15.66 11.97
CA VAL A 271 -4.68 -14.95 13.07
C VAL A 271 -6.19 -15.14 13.05
N THR A 272 -6.80 -14.87 11.90
CA THR A 272 -8.25 -15.01 11.73
C THR A 272 -8.66 -16.47 11.95
N ARG A 273 -7.81 -17.40 11.55
CA ARG A 273 -8.07 -18.83 11.70
C ARG A 273 -8.15 -19.24 13.17
N LYS A 274 -7.42 -18.53 14.03
CA LYS A 274 -7.45 -18.83 15.46
C LYS A 274 -8.81 -18.55 16.11
N LEU A 275 -9.59 -17.65 15.51
CA LEU A 275 -10.92 -17.32 16.06
C LEU A 275 -11.99 -18.31 15.63
N LYS A 276 -11.75 -19.03 14.54
CA LYS A 276 -12.71 -20.01 14.02
C LYS A 276 -13.28 -20.91 15.12
N GLY A 277 -14.59 -21.05 15.15
CA GLY A 277 -15.23 -21.90 16.14
C GLY A 277 -15.59 -21.20 17.44
N HIS A 278 -15.02 -20.03 17.67
CA HIS A 278 -15.31 -19.28 18.88
C HIS A 278 -16.57 -18.43 18.69
N VAL A 279 -16.94 -18.21 17.43
CA VAL A 279 -18.17 -17.48 17.09
C VAL A 279 -18.74 -18.17 15.86
N SER A 280 -20.04 -18.03 15.62
CA SER A 280 -20.66 -18.68 14.47
C SER A 280 -20.76 -17.75 13.27
N LEU A 281 -20.46 -16.48 13.50
CA LEU A 281 -20.49 -15.46 12.45
C LEU A 281 -19.39 -15.64 11.41
N PRO A 282 -19.69 -15.35 10.14
CA PRO A 282 -18.68 -15.48 9.09
C PRO A 282 -17.49 -14.57 9.43
N LEU A 283 -16.27 -15.06 9.23
CA LEU A 283 -15.07 -14.28 9.54
C LEU A 283 -14.31 -13.90 8.26
N VAL A 284 -13.86 -12.65 8.20
CA VAL A 284 -13.12 -12.16 7.04
C VAL A 284 -11.65 -11.97 7.43
N THR A 285 -10.72 -12.45 6.59
CA THR A 285 -9.29 -12.30 6.89
C THR A 285 -8.76 -11.26 5.90
N THR A 286 -7.69 -10.56 6.26
CA THR A 286 -7.15 -9.49 5.43
C THR A 286 -5.64 -9.27 5.49
N ASN A 287 -5.18 -8.41 4.60
CA ASN A 287 -3.77 -8.00 4.48
C ASN A 287 -2.94 -8.81 3.51
N ARG A 288 -2.43 -8.12 2.50
CA ARG A 288 -1.56 -8.72 1.49
C ARG A 288 -2.11 -9.95 0.76
N ILE A 289 -3.41 -9.96 0.52
CA ILE A 289 -4.00 -11.05 -0.25
C ILE A 289 -4.22 -10.35 -1.59
N ASN A 290 -3.36 -10.66 -2.56
CA ASN A 290 -3.41 -10.00 -3.88
C ASN A 290 -3.41 -10.95 -5.07
N ASP A 291 -3.70 -12.23 -4.81
CA ASP A 291 -3.70 -13.24 -5.86
C ASP A 291 -4.89 -14.16 -5.66
N PRO A 292 -5.60 -14.53 -6.76
CA PRO A 292 -6.77 -15.42 -6.69
C PRO A 292 -6.47 -16.77 -6.06
N GLN A 293 -5.32 -17.34 -6.38
CA GLN A 293 -4.93 -18.64 -5.83
C GLN A 293 -4.71 -18.53 -4.33
N VAL A 294 -4.00 -17.48 -3.91
CA VAL A 294 -3.73 -17.27 -2.50
C VAL A 294 -5.05 -17.15 -1.75
N ALA A 295 -5.96 -16.32 -2.26
CA ALA A 295 -7.25 -16.14 -1.61
C ALA A 295 -8.05 -17.45 -1.61
N ASP A 296 -8.06 -18.14 -2.75
CA ASP A 296 -8.81 -19.39 -2.84
C ASP A 296 -8.25 -20.44 -1.88
N ASP A 297 -6.93 -20.53 -1.78
CA ASP A 297 -6.26 -21.47 -0.89
C ASP A 297 -6.58 -21.16 0.57
N ILE A 298 -6.64 -19.87 0.90
CA ILE A 298 -6.97 -19.45 2.25
C ILE A 298 -8.38 -19.93 2.58
N LEU A 299 -9.28 -19.77 1.62
CA LEU A 299 -10.67 -20.16 1.79
C LEU A 299 -10.85 -21.69 1.84
N SER A 300 -10.23 -22.39 0.89
CA SER A 300 -10.35 -23.84 0.84
C SER A 300 -9.71 -24.47 2.08
N ARG A 301 -8.62 -23.88 2.58
CA ARG A 301 -7.98 -24.43 3.77
C ARG A 301 -8.82 -24.15 5.03
N GLY A 302 -9.83 -23.29 4.90
CA GLY A 302 -10.68 -22.98 6.04
C GLY A 302 -10.12 -21.92 6.97
N ASP A 303 -9.20 -21.10 6.47
CA ASP A 303 -8.60 -20.04 7.29
C ASP A 303 -9.67 -18.99 7.65
N ALA A 304 -10.64 -18.79 6.77
CA ALA A 304 -11.71 -17.83 7.02
C ALA A 304 -12.88 -18.15 6.11
N ASP A 305 -13.95 -17.39 6.25
CA ASP A 305 -15.13 -17.59 5.43
C ASP A 305 -15.09 -16.63 4.24
N MET A 306 -14.38 -15.52 4.40
CA MET A 306 -14.22 -14.53 3.34
C MET A 306 -12.84 -13.91 3.37
N VAL A 307 -12.42 -13.34 2.25
CA VAL A 307 -11.15 -12.65 2.21
C VAL A 307 -11.41 -11.20 1.85
N SER A 308 -10.65 -10.31 2.48
CA SER A 308 -10.75 -8.90 2.19
C SER A 308 -9.55 -8.53 1.34
N MET A 309 -9.77 -7.67 0.36
CA MET A 309 -8.71 -7.19 -0.51
C MET A 309 -9.04 -5.75 -0.80
N ALA A 310 -8.15 -4.85 -0.39
CA ALA A 310 -8.40 -3.44 -0.61
C ALA A 310 -7.57 -2.92 -1.78
N ARG A 311 -6.27 -2.77 -1.54
CA ARG A 311 -5.37 -2.26 -2.56
C ARG A 311 -5.43 -3.01 -3.90
N PRO A 312 -5.60 -4.35 -3.88
CA PRO A 312 -5.65 -5.04 -5.17
C PRO A 312 -6.76 -4.51 -6.07
N PHE A 313 -7.76 -3.88 -5.46
CA PHE A 313 -8.86 -3.35 -6.24
C PHE A 313 -8.58 -1.97 -6.82
N LEU A 314 -7.52 -1.34 -6.34
CA LEU A 314 -7.08 -0.04 -6.85
C LEU A 314 -6.21 -0.40 -8.05
N ALA A 315 -5.38 -1.43 -7.85
CA ALA A 315 -4.47 -1.92 -8.86
C ALA A 315 -5.19 -2.50 -10.08
N ASP A 316 -6.31 -3.18 -9.84
CA ASP A 316 -7.09 -3.77 -10.93
C ASP A 316 -8.55 -3.99 -10.54
N ALA A 317 -9.43 -3.15 -11.08
CA ALA A 317 -10.85 -3.25 -10.79
C ALA A 317 -11.45 -4.55 -11.32
N GLU A 318 -10.79 -5.14 -12.31
CA GLU A 318 -11.24 -6.36 -12.96
C GLU A 318 -10.63 -7.63 -12.39
N LEU A 319 -10.03 -7.51 -11.21
CA LEU A 319 -9.39 -8.63 -10.54
C LEU A 319 -10.22 -9.92 -10.50
N LEU A 320 -11.49 -9.83 -10.12
CA LEU A 320 -12.33 -11.02 -10.03
C LEU A 320 -12.87 -11.56 -11.34
N SER A 321 -13.28 -10.69 -12.26
CA SER A 321 -13.80 -11.17 -13.53
C SER A 321 -12.68 -11.89 -14.29
N LYS A 322 -11.46 -11.39 -14.18
CA LYS A 322 -10.34 -12.03 -14.84
C LYS A 322 -10.09 -13.39 -14.20
N ALA A 323 -10.11 -13.43 -12.87
CA ALA A 323 -9.91 -14.66 -12.14
C ALA A 323 -10.93 -15.69 -12.61
N GLN A 324 -12.20 -15.32 -12.57
CA GLN A 324 -13.28 -16.22 -12.97
C GLN A 324 -13.27 -16.69 -14.44
N SER A 325 -12.52 -16.02 -15.30
CA SER A 325 -12.48 -16.42 -16.71
C SER A 325 -11.15 -17.05 -17.12
N GLY A 326 -10.31 -17.34 -16.14
CA GLY A 326 -9.02 -17.95 -16.41
C GLY A 326 -7.94 -17.01 -16.92
N ARG A 327 -8.06 -15.73 -16.60
CA ARG A 327 -7.08 -14.73 -17.04
C ARG A 327 -6.33 -14.08 -15.88
N ALA A 328 -5.97 -14.90 -14.89
CA ALA A 328 -5.23 -14.40 -13.75
C ALA A 328 -3.91 -13.79 -14.20
N ASP A 329 -3.38 -14.26 -15.33
CA ASP A 329 -2.12 -13.76 -15.83
C ASP A 329 -2.26 -12.34 -16.37
N GLU A 330 -3.51 -11.89 -16.52
CA GLU A 330 -3.79 -10.54 -16.99
C GLU A 330 -4.07 -9.59 -15.82
N ILE A 331 -3.97 -10.10 -14.59
CA ILE A 331 -4.23 -9.27 -13.41
C ILE A 331 -3.08 -8.32 -13.08
N ASN A 332 -3.40 -7.03 -13.00
CA ASN A 332 -2.41 -6.02 -12.64
C ASN A 332 -2.30 -6.11 -11.12
N THR A 333 -1.37 -6.93 -10.66
CA THR A 333 -1.13 -7.17 -9.25
C THR A 333 -0.68 -5.97 -8.41
N CYS A 334 -1.24 -5.86 -7.22
CA CYS A 334 -0.84 -4.81 -6.28
C CYS A 334 0.46 -5.30 -5.67
N ILE A 335 1.50 -4.47 -5.78
CA ILE A 335 2.81 -4.82 -5.26
C ILE A 335 3.07 -4.33 -3.83
N GLY A 336 2.04 -3.78 -3.20
CA GLY A 336 2.17 -3.31 -1.83
C GLY A 336 3.16 -2.18 -1.57
N CYS A 337 3.47 -1.39 -2.59
CA CYS A 337 4.42 -0.30 -2.49
C CYS A 337 3.96 0.89 -1.65
N ASN A 338 2.63 1.05 -1.53
CA ASN A 338 2.07 2.14 -0.73
C ASN A 338 2.37 3.55 -1.27
N GLN A 339 3.12 3.64 -2.36
CA GLN A 339 3.50 4.93 -2.91
C GLN A 339 2.37 5.86 -3.37
N ALA A 340 1.51 5.38 -4.25
CA ALA A 340 0.43 6.20 -4.77
C ALA A 340 -0.86 6.13 -3.94
N CYS A 341 -0.97 5.15 -3.06
CA CYS A 341 -2.18 5.03 -2.26
C CYS A 341 -2.05 5.54 -0.83
N LEU A 342 -1.44 4.74 0.05
CA LEU A 342 -1.33 5.16 1.43
C LEU A 342 -0.48 6.41 1.62
N ASP A 343 0.68 6.47 0.96
CA ASP A 343 1.57 7.64 1.07
C ASP A 343 0.88 8.95 0.68
N GLN A 344 -0.06 8.87 -0.27
CA GLN A 344 -0.74 10.08 -0.73
C GLN A 344 -1.90 10.55 0.15
N ILE A 345 -2.75 9.63 0.60
CA ILE A 345 -3.88 10.04 1.44
C ILE A 345 -3.37 10.46 2.82
N PHE A 346 -2.13 10.10 3.14
CA PHE A 346 -1.53 10.46 4.41
C PHE A 346 -1.15 11.94 4.39
N VAL A 347 -0.80 12.45 3.22
CA VAL A 347 -0.47 13.86 3.09
C VAL A 347 -1.68 14.62 2.60
N GLY A 348 -2.86 14.03 2.80
CA GLY A 348 -4.11 14.66 2.41
C GLY A 348 -4.40 14.76 0.93
N LYS A 349 -3.83 13.88 0.12
CA LYS A 349 -4.08 13.92 -1.32
C LYS A 349 -4.95 12.74 -1.73
N VAL A 350 -5.57 12.86 -2.91
CA VAL A 350 -6.43 11.79 -3.40
C VAL A 350 -5.56 10.57 -3.71
N THR A 351 -6.02 9.40 -3.28
CA THR A 351 -5.28 8.16 -3.51
C THR A 351 -5.29 7.77 -4.98
N SER A 352 -4.27 7.04 -5.40
CA SER A 352 -4.15 6.57 -6.77
C SER A 352 -3.39 5.24 -6.66
N CYS A 353 -2.90 4.70 -7.78
CA CYS A 353 -2.13 3.46 -7.75
C CYS A 353 -0.95 3.57 -8.71
N LEU A 354 0.21 3.12 -8.26
CA LEU A 354 1.43 3.15 -9.05
C LEU A 354 1.30 2.39 -10.37
N VAL A 355 0.69 1.21 -10.33
CA VAL A 355 0.53 0.42 -11.54
C VAL A 355 -0.75 0.77 -12.28
N ASN A 356 -1.63 1.52 -11.65
CA ASN A 356 -2.89 1.93 -12.28
C ASN A 356 -3.25 3.38 -11.96
N PRO A 357 -2.67 4.34 -12.70
CA PRO A 357 -2.92 5.77 -12.50
C PRO A 357 -4.40 6.17 -12.63
N ARG A 358 -5.21 5.30 -13.21
CA ARG A 358 -6.62 5.61 -13.37
C ARG A 358 -7.43 5.32 -12.11
N ALA A 359 -6.80 4.64 -11.15
CA ALA A 359 -7.47 4.31 -9.88
C ALA A 359 -7.99 5.59 -9.24
N CYS A 360 -9.30 5.65 -8.99
CA CYS A 360 -9.92 6.81 -8.36
C CYS A 360 -9.92 8.05 -9.24
N HIS A 361 -9.67 7.86 -10.53
CA HIS A 361 -9.64 8.96 -11.48
C HIS A 361 -10.20 8.46 -12.83
N GLU A 362 -11.00 7.40 -12.79
CA GLU A 362 -11.54 6.86 -14.02
C GLU A 362 -12.46 7.82 -14.78
N THR A 363 -13.23 8.65 -14.08
CA THR A 363 -14.11 9.58 -14.78
C THR A 363 -13.33 10.73 -15.43
N LYS A 364 -12.20 11.12 -14.83
CA LYS A 364 -11.38 12.21 -15.36
C LYS A 364 -10.34 11.74 -16.37
N MET A 365 -10.24 10.42 -16.56
CA MET A 365 -9.29 9.85 -17.51
C MET A 365 -9.97 8.79 -18.37
N PRO A 366 -10.93 9.22 -19.21
CA PRO A 366 -11.64 8.29 -20.08
C PRO A 366 -10.75 7.67 -21.16
N ILE A 367 -11.10 6.47 -21.61
CA ILE A 367 -10.33 5.80 -22.65
C ILE A 367 -11.17 5.75 -23.93
N LEU A 368 -11.11 6.84 -24.69
CA LEU A 368 -11.84 6.97 -25.93
C LEU A 368 -11.17 6.17 -27.04
N PRO A 369 -11.96 5.63 -27.99
CA PRO A 369 -11.43 4.83 -29.10
C PRO A 369 -10.04 5.29 -29.54
N ALA A 370 -9.99 6.36 -30.32
CA ALA A 370 -8.71 6.89 -30.78
C ALA A 370 -9.00 8.11 -31.65
N VAL A 371 -8.54 9.27 -31.20
CA VAL A 371 -8.73 10.52 -31.93
C VAL A 371 -8.67 10.20 -33.42
N GLN A 372 -7.65 9.42 -33.79
CA GLN A 372 -7.41 8.95 -35.15
C GLN A 372 -6.09 8.18 -35.12
N LYS A 373 -6.15 6.91 -35.50
CA LYS A 373 -4.99 6.01 -35.49
C LYS A 373 -3.67 6.62 -35.97
N LYS A 374 -2.57 5.99 -35.55
CA LYS A 374 -1.21 6.38 -35.90
C LYS A 374 -0.25 5.22 -35.67
N ASN A 375 0.91 5.27 -36.33
CA ASN A 375 1.94 4.24 -36.23
C ASN A 375 3.03 4.77 -35.31
N LEU A 376 3.03 4.33 -34.06
CA LEU A 376 3.99 4.82 -33.06
C LEU A 376 5.23 3.95 -32.78
N ALA A 377 6.25 4.58 -32.22
CA ALA A 377 7.50 3.91 -31.88
C ALA A 377 7.92 4.31 -30.46
N VAL A 378 8.06 3.32 -29.59
CA VAL A 378 8.45 3.55 -28.21
C VAL A 378 9.85 3.00 -27.95
N VAL A 379 10.77 3.88 -27.55
CA VAL A 379 12.13 3.46 -27.27
C VAL A 379 12.32 3.26 -25.78
N GLY A 380 12.44 2.00 -25.37
CA GLY A 380 12.62 1.68 -23.96
C GLY A 380 11.43 0.91 -23.41
N ALA A 381 11.67 -0.30 -22.91
CA ALA A 381 10.60 -1.13 -22.37
C ALA A 381 10.50 -1.09 -20.85
N GLY A 382 10.82 0.06 -20.26
CA GLY A 382 10.72 0.21 -18.82
C GLY A 382 9.27 0.51 -18.51
N PRO A 383 8.91 0.73 -17.23
CA PRO A 383 7.51 1.03 -16.91
C PRO A 383 6.93 2.21 -17.67
N ALA A 384 7.76 3.18 -18.04
CA ALA A 384 7.29 4.33 -18.80
C ALA A 384 6.83 3.86 -20.18
N GLY A 385 7.72 3.19 -20.90
CA GLY A 385 7.38 2.69 -22.21
C GLY A 385 6.22 1.71 -22.16
N LEU A 386 6.33 0.70 -21.30
CA LEU A 386 5.29 -0.31 -21.14
C LEU A 386 3.90 0.29 -20.91
N ALA A 387 3.81 1.23 -19.96
CA ALA A 387 2.53 1.88 -19.65
C ALA A 387 1.96 2.55 -20.90
N PHE A 388 2.80 3.32 -21.60
CA PHE A 388 2.34 4.00 -22.80
C PHE A 388 1.96 3.01 -23.92
N ALA A 389 2.85 2.06 -24.17
CA ALA A 389 2.66 1.05 -25.22
C ALA A 389 1.34 0.30 -25.17
N ILE A 390 1.07 -0.39 -24.06
CA ILE A 390 -0.18 -1.15 -23.98
C ILE A 390 -1.42 -0.27 -23.92
N ASN A 391 -1.28 0.94 -23.39
CA ASN A 391 -2.41 1.86 -23.29
C ASN A 391 -2.74 2.49 -24.63
N ALA A 392 -1.71 2.69 -25.45
CA ALA A 392 -1.90 3.29 -26.77
C ALA A 392 -2.42 2.23 -27.74
N ALA A 393 -1.90 1.01 -27.60
CA ALA A 393 -2.30 -0.09 -28.48
C ALA A 393 -3.72 -0.56 -28.17
N ALA A 394 -4.16 -0.38 -26.94
CA ALA A 394 -5.51 -0.77 -26.56
C ALA A 394 -6.48 0.29 -27.07
N ARG A 395 -5.92 1.40 -27.52
CA ARG A 395 -6.72 2.50 -28.06
C ARG A 395 -6.86 2.37 -29.57
N GLY A 396 -6.00 1.56 -30.18
CA GLY A 396 -6.08 1.37 -31.62
C GLY A 396 -4.80 1.71 -32.36
N HIS A 397 -3.92 2.45 -31.71
CA HIS A 397 -2.66 2.82 -32.33
C HIS A 397 -1.78 1.59 -32.53
N GLN A 398 -0.92 1.63 -33.54
CA GLN A 398 -0.01 0.52 -33.78
C GLN A 398 1.24 0.90 -33.03
N VAL A 399 1.72 0.01 -32.17
CA VAL A 399 2.88 0.30 -31.36
C VAL A 399 4.03 -0.68 -31.55
N THR A 400 5.24 -0.16 -31.64
CA THR A 400 6.45 -0.96 -31.79
C THR A 400 7.40 -0.62 -30.65
N LEU A 401 7.46 -1.51 -29.67
CA LEU A 401 8.27 -1.31 -28.47
C LEU A 401 9.67 -1.92 -28.59
N PHE A 402 10.69 -1.06 -28.62
CA PHE A 402 12.09 -1.52 -28.71
C PHE A 402 12.78 -1.45 -27.35
N ASP A 403 13.77 -2.31 -27.14
CA ASP A 403 14.53 -2.30 -25.90
C ASP A 403 15.82 -3.08 -26.11
N ALA A 404 16.92 -2.49 -25.67
CA ALA A 404 18.24 -3.09 -25.84
C ALA A 404 18.48 -4.35 -25.02
N HIS A 405 17.68 -4.56 -23.97
CA HIS A 405 17.85 -5.73 -23.13
C HIS A 405 17.13 -6.97 -23.67
N SER A 406 17.43 -8.13 -23.09
CA SER A 406 16.83 -9.39 -23.51
C SER A 406 15.42 -9.60 -22.98
N GLU A 407 14.94 -8.65 -22.18
CA GLU A 407 13.60 -8.73 -21.60
C GLU A 407 13.08 -7.36 -21.21
N ILE A 408 11.76 -7.19 -21.28
CA ILE A 408 11.14 -5.92 -20.92
C ILE A 408 11.34 -5.69 -19.42
N GLY A 409 11.11 -4.45 -18.98
CA GLY A 409 11.24 -4.17 -17.57
C GLY A 409 12.10 -3.00 -17.14
N GLY A 410 13.13 -2.67 -17.92
CA GLY A 410 13.98 -1.56 -17.53
C GLY A 410 14.54 -1.78 -16.15
N GLN A 411 14.57 -0.72 -15.33
CA GLN A 411 15.10 -0.82 -13.98
C GLN A 411 14.35 -1.77 -13.07
N PHE A 412 13.11 -2.08 -13.42
CA PHE A 412 12.34 -3.01 -12.61
C PHE A 412 13.01 -4.37 -12.51
N ASN A 413 13.90 -4.67 -13.46
CA ASN A 413 14.62 -5.95 -13.45
C ASN A 413 15.70 -5.96 -12.40
N ILE A 414 15.99 -4.77 -11.86
CA ILE A 414 16.98 -4.62 -10.81
C ILE A 414 16.23 -4.53 -9.49
N ALA A 415 15.15 -3.74 -9.49
CA ALA A 415 14.32 -3.56 -8.31
C ALA A 415 13.81 -4.90 -7.77
N LYS A 416 13.24 -5.70 -8.66
CA LYS A 416 12.69 -7.00 -8.31
C LYS A 416 13.70 -7.90 -7.60
N GLN A 417 14.98 -7.58 -7.68
CA GLN A 417 15.99 -8.41 -7.05
C GLN A 417 16.36 -7.98 -5.63
N ILE A 418 15.74 -6.89 -5.18
CA ILE A 418 15.96 -6.36 -3.85
C ILE A 418 15.08 -7.17 -2.88
N PRO A 419 15.68 -7.70 -1.79
CA PRO A 419 14.84 -8.47 -0.87
C PRO A 419 13.63 -7.63 -0.46
N GLY A 420 12.47 -8.27 -0.42
CA GLY A 420 11.25 -7.57 -0.04
C GLY A 420 10.58 -6.81 -1.18
N LYS A 421 11.02 -7.03 -2.41
CA LYS A 421 10.42 -6.35 -3.56
C LYS A 421 10.20 -7.31 -4.73
N GLU A 422 10.18 -8.61 -4.43
CA GLU A 422 9.97 -9.60 -5.47
C GLU A 422 8.58 -9.49 -6.09
N GLU A 423 7.71 -8.71 -5.46
CA GLU A 423 6.37 -8.53 -5.98
C GLU A 423 6.50 -7.83 -7.35
N PHE A 424 7.63 -7.18 -7.58
CA PHE A 424 7.85 -6.50 -8.86
C PHE A 424 7.81 -7.47 -10.04
N TYR A 425 8.08 -8.75 -9.77
CA TYR A 425 8.04 -9.77 -10.83
C TYR A 425 6.65 -9.85 -11.44
N GLU A 426 5.64 -9.65 -10.60
CA GLU A 426 4.24 -9.69 -11.03
C GLU A 426 3.90 -8.62 -12.06
N THR A 427 4.33 -7.38 -11.78
CA THR A 427 4.06 -6.28 -12.69
C THR A 427 4.64 -6.56 -14.09
N LEU A 428 5.84 -7.17 -14.14
CA LEU A 428 6.45 -7.48 -15.41
C LEU A 428 5.69 -8.60 -16.12
N ARG A 429 5.22 -9.59 -15.35
CA ARG A 429 4.45 -10.68 -15.92
C ARG A 429 3.18 -10.08 -16.53
N TYR A 430 2.58 -9.13 -15.81
CA TYR A 430 1.36 -8.45 -16.28
C TYR A 430 1.59 -7.72 -17.61
N TYR A 431 2.58 -6.82 -17.64
CA TYR A 431 2.88 -6.07 -18.86
C TYR A 431 3.28 -7.01 -20.00
N ARG A 432 4.01 -8.05 -19.66
CA ARG A 432 4.45 -9.01 -20.65
C ARG A 432 3.24 -9.61 -21.34
N ARG A 433 2.22 -9.95 -20.54
CA ARG A 433 1.00 -10.55 -21.07
C ARG A 433 0.13 -9.52 -21.78
N MET A 434 0.10 -8.29 -21.28
CA MET A 434 -0.72 -7.25 -21.90
C MET A 434 -0.14 -6.81 -23.25
N ILE A 435 1.15 -7.02 -23.45
CA ILE A 435 1.78 -6.69 -24.71
C ILE A 435 1.13 -7.61 -25.75
N GLU A 436 1.12 -8.91 -25.47
CA GLU A 436 0.50 -9.89 -26.36
C GLU A 436 -0.97 -9.53 -26.59
N VAL A 437 -1.70 -9.33 -25.50
CA VAL A 437 -3.12 -9.00 -25.56
C VAL A 437 -3.51 -7.76 -26.37
N THR A 438 -2.79 -6.65 -26.20
CA THR A 438 -3.13 -5.44 -26.93
C THR A 438 -2.55 -5.40 -28.35
N GLY A 439 -1.69 -6.37 -28.67
CA GLY A 439 -1.10 -6.43 -30.00
C GLY A 439 0.17 -5.65 -30.24
N VAL A 440 0.86 -5.27 -29.16
CA VAL A 440 2.11 -4.53 -29.29
C VAL A 440 3.21 -5.39 -29.90
N THR A 441 3.85 -4.88 -30.96
CA THR A 441 4.93 -5.63 -31.58
C THR A 441 6.17 -5.33 -30.77
N LEU A 442 6.66 -6.36 -30.07
CA LEU A 442 7.82 -6.23 -29.20
C LEU A 442 9.12 -6.65 -29.89
N LYS A 443 10.12 -5.79 -29.77
CA LYS A 443 11.42 -6.06 -30.36
C LYS A 443 12.52 -5.84 -29.32
N LEU A 444 12.99 -6.93 -28.75
CA LEU A 444 14.04 -6.89 -27.74
C LEU A 444 15.41 -7.00 -28.41
N ASN A 445 16.46 -6.76 -27.65
CA ASN A 445 17.83 -6.85 -28.16
C ASN A 445 18.08 -5.84 -29.27
N HIS A 446 17.31 -4.77 -29.27
CA HIS A 446 17.42 -3.72 -30.28
C HIS A 446 17.90 -2.40 -29.68
N THR A 447 19.15 -2.04 -29.93
CA THR A 447 19.66 -0.77 -29.44
C THR A 447 19.33 0.18 -30.59
N VAL A 448 18.31 1.01 -30.38
CA VAL A 448 17.85 1.95 -31.40
C VAL A 448 18.65 3.24 -31.55
N THR A 449 18.91 3.61 -32.81
CA THR A 449 19.64 4.83 -33.12
C THR A 449 18.65 5.82 -33.75
N ALA A 450 18.99 7.11 -33.72
CA ALA A 450 18.11 8.14 -34.28
C ALA A 450 17.81 7.85 -35.74
N ASP A 451 18.69 7.09 -36.39
CA ASP A 451 18.52 6.76 -37.80
C ASP A 451 17.85 5.39 -37.94
N GLN A 452 18.52 4.37 -37.42
CA GLN A 452 17.98 3.01 -37.51
C GLN A 452 16.52 2.97 -37.08
N LEU A 453 15.64 2.69 -38.03
CA LEU A 453 14.21 2.64 -37.79
C LEU A 453 13.68 3.96 -37.25
N GLN A 454 12.88 4.64 -38.06
CA GLN A 454 12.31 5.92 -37.70
C GLN A 454 11.24 6.37 -38.69
N ALA A 455 10.71 5.40 -39.45
CA ALA A 455 9.67 5.67 -40.44
C ALA A 455 8.29 5.67 -39.76
N PHE A 456 8.27 6.08 -38.49
CA PHE A 456 7.04 6.12 -37.70
C PHE A 456 6.46 7.53 -37.70
N ASP A 457 5.13 7.62 -37.67
CA ASP A 457 4.46 8.92 -37.65
C ASP A 457 4.96 9.76 -36.47
N GLU A 458 5.11 9.12 -35.31
CA GLU A 458 5.58 9.79 -34.10
C GLU A 458 6.47 8.85 -33.29
N THR A 459 7.35 9.43 -32.49
CA THR A 459 8.25 8.65 -31.66
C THR A 459 8.07 9.04 -30.19
N ILE A 460 8.14 8.05 -29.30
CA ILE A 460 8.00 8.29 -27.87
C ILE A 460 9.22 7.77 -27.15
N LEU A 461 10.12 8.69 -26.79
CA LEU A 461 11.33 8.29 -26.09
C LEU A 461 11.09 8.02 -24.62
N ALA A 462 11.31 6.77 -24.25
CA ALA A 462 11.16 6.32 -22.88
C ALA A 462 12.47 5.66 -22.54
N SER A 463 13.55 6.24 -23.04
CA SER A 463 14.89 5.72 -22.78
C SER A 463 15.06 5.87 -21.28
N GLY A 464 16.14 5.34 -20.73
CA GLY A 464 16.25 5.41 -19.28
C GLY A 464 16.92 6.55 -18.56
N ILE A 465 17.86 6.15 -17.73
CA ILE A 465 18.62 7.07 -16.91
C ILE A 465 20.09 6.70 -16.98
N VAL A 466 20.94 7.67 -16.64
CA VAL A 466 22.37 7.47 -16.62
C VAL A 466 22.81 7.69 -15.18
N PRO A 467 23.26 6.63 -14.50
CA PRO A 467 23.70 6.77 -13.11
C PRO A 467 24.68 7.94 -12.96
N ARG A 468 24.63 8.61 -11.82
CA ARG A 468 25.49 9.76 -11.55
C ARG A 468 26.87 9.34 -11.03
N THR A 469 27.92 9.86 -11.67
CA THR A 469 29.28 9.57 -11.25
C THR A 469 29.87 10.78 -10.53
N PRO A 470 29.76 10.80 -9.19
CA PRO A 470 30.27 11.90 -8.35
C PRO A 470 31.72 12.22 -8.65
N PRO A 471 32.04 13.52 -8.81
CA PRO A 471 33.41 13.96 -9.10
C PRO A 471 34.33 13.90 -7.89
N ILE A 472 34.36 12.75 -7.22
CA ILE A 472 35.22 12.60 -6.05
C ILE A 472 36.61 12.12 -6.44
N ASP A 473 37.61 12.69 -5.80
CA ASP A 473 39.01 12.36 -6.07
C ASP A 473 39.23 10.85 -5.89
N GLY A 474 39.62 10.20 -6.99
CA GLY A 474 39.87 8.77 -6.96
C GLY A 474 38.60 7.95 -7.13
N ILE A 475 37.66 8.48 -7.91
CA ILE A 475 36.38 7.82 -8.16
C ILE A 475 36.51 6.62 -9.08
N ASP A 476 37.68 6.44 -9.66
CA ASP A 476 37.91 5.30 -10.54
C ASP A 476 38.68 4.21 -9.82
N HIS A 477 39.01 4.47 -8.56
CA HIS A 477 39.74 3.51 -7.75
C HIS A 477 39.01 2.17 -7.77
N PRO A 478 39.76 1.05 -7.82
CA PRO A 478 39.23 -0.31 -7.85
C PRO A 478 38.15 -0.63 -6.82
N LYS A 479 38.23 -0.02 -5.65
CA LYS A 479 37.25 -0.24 -4.59
C LYS A 479 35.85 0.26 -4.95
N VAL A 480 35.80 1.24 -5.87
CA VAL A 480 34.55 1.85 -6.29
C VAL A 480 33.69 1.06 -7.28
N LEU A 481 32.45 0.79 -6.86
CA LEU A 481 31.47 0.05 -7.65
C LEU A 481 30.13 0.80 -7.66
N SER A 482 29.53 0.95 -8.84
CA SER A 482 28.25 1.63 -8.95
C SER A 482 27.18 0.65 -8.45
N TYR A 483 25.97 1.14 -8.23
CA TYR A 483 24.92 0.25 -7.75
C TYR A 483 24.53 -0.77 -8.82
N LEU A 484 24.75 -0.41 -10.08
CA LEU A 484 24.44 -1.32 -11.19
C LEU A 484 25.43 -2.49 -11.15
N ASP A 485 26.69 -2.18 -10.87
CA ASP A 485 27.72 -3.20 -10.81
C ASP A 485 27.40 -4.22 -9.73
N VAL A 486 26.88 -3.75 -8.60
CA VAL A 486 26.54 -4.62 -7.49
C VAL A 486 25.22 -5.36 -7.68
N LEU A 487 24.16 -4.62 -8.02
CA LEU A 487 22.82 -5.19 -8.19
C LEU A 487 22.55 -5.90 -9.51
N ARG A 488 22.96 -5.31 -10.62
CA ARG A 488 22.73 -5.90 -11.93
C ARG A 488 23.80 -6.90 -12.38
N ASP A 489 25.06 -6.49 -12.28
CA ASP A 489 26.16 -7.35 -12.71
C ASP A 489 26.81 -8.17 -11.60
N LYS A 490 26.09 -8.31 -10.49
CA LYS A 490 26.53 -9.09 -9.35
C LYS A 490 28.01 -9.01 -8.97
N ALA A 491 28.63 -7.86 -9.19
CA ALA A 491 30.05 -7.68 -8.87
C ALA A 491 30.37 -8.10 -7.44
N PRO A 492 31.52 -8.79 -7.25
CA PRO A 492 31.91 -9.23 -5.92
C PRO A 492 32.05 -8.03 -4.98
N VAL A 493 31.52 -8.17 -3.76
CA VAL A 493 31.60 -7.08 -2.80
C VAL A 493 32.14 -7.60 -1.47
N GLY A 494 33.23 -7.01 -1.02
CA GLY A 494 33.88 -7.42 0.22
C GLY A 494 33.02 -7.36 1.46
N ASN A 495 33.65 -7.61 2.60
CA ASN A 495 32.98 -7.62 3.89
C ASN A 495 32.62 -6.20 4.37
N LYS A 496 33.58 -5.29 4.27
CA LYS A 496 33.36 -3.91 4.70
C LYS A 496 32.96 -3.02 3.52
N VAL A 497 31.83 -2.36 3.67
CA VAL A 497 31.32 -1.51 2.60
C VAL A 497 30.89 -0.14 3.08
N ALA A 498 31.11 0.85 2.22
CA ALA A 498 30.71 2.22 2.49
C ALA A 498 29.77 2.53 1.34
N ILE A 499 28.59 3.05 1.65
CA ILE A 499 27.64 3.39 0.61
C ILE A 499 27.48 4.91 0.53
N ILE A 500 27.79 5.46 -0.64
CA ILE A 500 27.67 6.89 -0.85
C ILE A 500 26.34 7.19 -1.50
N GLY A 501 25.48 7.88 -0.76
CA GLY A 501 24.18 8.22 -1.29
C GLY A 501 23.09 7.40 -0.65
N CYS A 502 22.28 8.04 0.18
CA CYS A 502 21.19 7.37 0.84
C CYS A 502 19.97 7.59 -0.03
N GLY A 503 18.77 7.59 0.52
CA GLY A 503 17.63 7.74 -0.36
C GLY A 503 17.38 6.42 -1.09
N GLY A 504 16.26 6.35 -1.82
CA GLY A 504 15.85 5.15 -2.54
C GLY A 504 16.81 4.01 -2.87
N ILE A 505 17.61 4.19 -3.92
CA ILE A 505 18.54 3.17 -4.34
C ILE A 505 19.56 2.81 -3.26
N GLY A 506 20.07 3.82 -2.57
CA GLY A 506 21.04 3.55 -1.53
C GLY A 506 20.49 2.62 -0.46
N PHE A 507 19.22 2.78 -0.11
CA PHE A 507 18.62 1.93 0.91
C PHE A 507 18.37 0.51 0.40
N ASP A 508 18.02 0.40 -0.88
CA ASP A 508 17.77 -0.92 -1.46
C ASP A 508 19.07 -1.69 -1.60
N THR A 509 20.14 -0.99 -1.95
CA THR A 509 21.46 -1.61 -2.11
C THR A 509 21.91 -2.15 -0.76
N ALA A 510 21.69 -1.37 0.29
CA ALA A 510 22.06 -1.77 1.64
C ALA A 510 21.20 -2.95 2.10
N MET A 511 19.94 -2.96 1.68
CA MET A 511 19.04 -4.06 2.05
C MET A 511 19.63 -5.35 1.46
N TYR A 512 19.99 -5.27 0.19
CA TYR A 512 20.58 -6.36 -0.58
C TYR A 512 21.90 -6.87 -0.01
N LEU A 513 22.84 -5.94 0.21
CA LEU A 513 24.16 -6.30 0.73
C LEU A 513 24.17 -6.76 2.17
N SER A 514 23.10 -6.46 2.92
CA SER A 514 23.05 -6.88 4.31
C SER A 514 22.12 -8.07 4.52
N GLN A 515 21.54 -8.58 3.44
CA GLN A 515 20.60 -9.70 3.54
C GLN A 515 21.24 -10.94 4.19
N PRO A 516 20.82 -11.26 5.42
CA PRO A 516 21.31 -12.41 6.22
C PRO A 516 21.07 -13.77 5.57
N GLY A 517 20.20 -13.81 4.57
CA GLY A 517 19.90 -15.05 3.89
C GLY A 517 18.59 -14.90 3.14
N GLU A 518 17.70 -15.89 3.31
CA GLU A 518 16.40 -15.84 2.64
C GLU A 518 15.51 -14.76 3.26
N SER A 519 14.77 -14.06 2.39
CA SER A 519 13.89 -12.98 2.85
C SER A 519 12.63 -13.48 3.53
N THR A 520 12.24 -12.80 4.60
CA THR A 520 11.05 -13.16 5.35
C THR A 520 9.80 -12.68 4.62
N SER A 521 10.00 -12.04 3.48
CA SER A 521 8.90 -11.51 2.68
C SER A 521 8.20 -12.66 1.98
N GLN A 522 8.71 -13.87 2.18
CA GLN A 522 8.12 -15.04 1.57
C GLN A 522 8.07 -16.20 2.55
N ASN A 523 8.16 -15.86 3.83
CA ASN A 523 8.11 -16.86 4.88
C ASN A 523 7.32 -16.30 6.04
N ILE A 524 6.03 -16.64 6.10
CA ILE A 524 5.14 -16.16 7.14
C ILE A 524 5.66 -16.37 8.56
N ALA A 525 6.06 -17.60 8.88
CA ALA A 525 6.58 -17.91 10.21
C ALA A 525 7.88 -17.15 10.46
N GLY A 526 8.72 -17.06 9.45
CA GLY A 526 9.98 -16.34 9.56
C GLY A 526 9.75 -14.85 9.80
N PHE A 527 8.82 -14.28 9.03
CA PHE A 527 8.47 -12.87 9.16
C PHE A 527 8.00 -12.61 10.59
N CYS A 528 7.14 -13.50 11.09
CA CYS A 528 6.62 -13.35 12.44
C CYS A 528 7.71 -13.48 13.48
N ASN A 529 8.68 -14.36 13.21
CA ASN A 529 9.78 -14.57 14.14
C ASN A 529 10.71 -13.36 14.16
N GLU A 530 11.04 -12.83 12.98
CA GLU A 530 11.93 -11.68 12.90
C GLU A 530 11.38 -10.40 13.53
N TRP A 531 10.08 -10.20 13.39
CA TRP A 531 9.47 -9.00 13.95
C TRP A 531 8.94 -9.13 15.37
N GLY A 532 9.08 -10.31 15.97
CA GLY A 532 8.62 -10.48 17.33
C GLY A 532 7.12 -10.65 17.54
N ILE A 533 6.45 -11.31 16.61
CA ILE A 533 5.02 -11.56 16.72
C ILE A 533 4.80 -12.91 17.42
N ASP A 534 3.95 -12.92 18.44
CA ASP A 534 3.65 -14.13 19.21
C ASP A 534 2.52 -14.93 18.55
N SER A 535 2.87 -16.07 17.96
CA SER A 535 1.90 -16.92 17.26
C SER A 535 0.71 -17.37 18.10
N SER A 536 0.87 -17.43 19.41
CA SER A 536 -0.23 -17.82 20.29
C SER A 536 -1.16 -16.66 20.58
N LEU A 537 -0.67 -15.43 20.36
CA LEU A 537 -1.45 -14.21 20.61
C LEU A 537 -1.82 -14.11 22.09
N GLN A 538 -1.11 -14.88 22.93
CA GLN A 538 -1.36 -14.87 24.36
C GLN A 538 -0.74 -13.64 25.03
N GLN A 539 0.31 -13.12 24.43
CA GLN A 539 0.99 -11.93 24.94
C GLN A 539 0.21 -10.66 24.58
N ALA A 540 0.25 -9.66 25.44
CA ALA A 540 -0.46 -8.40 25.19
C ALA A 540 -0.09 -7.79 23.84
N GLY A 541 -1.08 -7.62 22.97
CA GLY A 541 -0.80 -7.06 21.67
C GLY A 541 -0.13 -8.06 20.74
N GLY A 542 -0.11 -9.32 21.14
CA GLY A 542 0.50 -10.35 20.32
C GLY A 542 1.99 -10.18 20.08
N LEU A 543 2.67 -9.54 21.03
CA LEU A 543 4.12 -9.31 20.95
C LEU A 543 4.89 -10.35 21.75
N SER A 544 5.80 -11.07 21.11
CA SER A 544 6.56 -12.09 21.82
C SER A 544 7.43 -11.41 22.87
N PRO A 545 7.59 -12.04 24.04
CA PRO A 545 8.41 -11.48 25.13
C PRO A 545 9.86 -11.19 24.74
N GLN A 546 10.43 -12.04 23.90
CA GLN A 546 11.82 -11.88 23.45
C GLN A 546 12.02 -10.80 22.39
N GLY A 547 10.95 -10.08 22.06
CA GLY A 547 11.04 -9.02 21.07
C GLY A 547 11.57 -9.42 19.71
N MET A 548 11.98 -8.42 18.92
CA MET A 548 12.50 -8.64 17.57
C MET A 548 13.74 -9.55 17.52
N GLN A 549 13.89 -10.26 16.41
CA GLN A 549 15.01 -11.16 16.19
C GLN A 549 15.57 -10.98 14.78
N ILE A 550 15.88 -9.74 14.40
CA ILE A 550 16.45 -9.50 13.08
C ILE A 550 17.90 -9.99 13.10
N PRO A 551 18.27 -10.86 12.16
CA PRO A 551 19.62 -11.40 12.08
C PRO A 551 20.68 -10.31 11.85
N ARG A 552 21.94 -10.66 12.11
CA ARG A 552 23.04 -9.74 11.91
C ARG A 552 23.41 -9.70 10.44
N SER A 553 23.84 -8.53 9.97
CA SER A 553 24.24 -8.39 8.58
C SER A 553 25.57 -9.11 8.38
N PRO A 554 25.68 -9.92 7.30
CA PRO A 554 26.92 -10.65 7.00
C PRO A 554 28.08 -9.68 6.76
N ARG A 555 27.75 -8.42 6.50
CA ARG A 555 28.76 -7.40 6.24
C ARG A 555 28.64 -6.16 7.12
N GLN A 556 29.75 -5.42 7.21
CA GLN A 556 29.79 -4.18 7.99
C GLN A 556 29.47 -3.10 6.98
N ILE A 557 28.31 -2.49 7.10
CA ILE A 557 27.95 -1.46 6.14
C ILE A 557 27.65 -0.11 6.76
N VAL A 558 28.20 0.93 6.15
CA VAL A 558 27.96 2.29 6.60
C VAL A 558 27.41 3.08 5.40
N MET A 559 26.26 3.70 5.60
CA MET A 559 25.60 4.51 4.56
C MET A 559 25.92 5.97 4.82
N LEU A 560 26.19 6.73 3.77
CA LEU A 560 26.55 8.13 3.94
C LEU A 560 25.83 9.07 3.00
N GLN A 561 25.61 10.30 3.48
CA GLN A 561 24.98 11.35 2.69
C GLN A 561 25.50 12.70 3.19
N ARG A 562 25.47 13.70 2.32
CA ARG A 562 25.94 15.04 2.69
C ARG A 562 24.90 15.86 3.46
N LYS A 563 23.63 15.74 3.11
CA LYS A 563 22.62 16.51 3.81
C LYS A 563 22.66 16.12 5.28
N ALA A 564 22.32 17.06 6.15
CA ALA A 564 22.36 16.83 7.58
C ALA A 564 21.11 16.19 8.17
N SER A 565 20.03 16.18 7.40
CA SER A 565 18.78 15.59 7.88
C SER A 565 18.95 14.08 8.05
N LYS A 566 18.10 13.49 8.89
CA LYS A 566 18.15 12.05 9.16
C LYS A 566 18.09 11.21 7.89
N PRO A 567 19.01 10.27 7.72
CA PRO A 567 19.02 9.43 6.52
C PRO A 567 17.70 8.66 6.40
N GLY A 568 17.18 8.58 5.18
CA GLY A 568 15.93 7.88 4.96
C GLY A 568 14.69 8.74 5.19
N GLN A 569 14.91 10.00 5.54
CA GLN A 569 13.80 10.92 5.80
C GLN A 569 12.95 11.12 4.54
N GLY A 570 13.61 11.10 3.38
CA GLY A 570 12.92 11.31 2.13
C GLY A 570 12.24 10.09 1.52
N LEU A 571 12.26 8.97 2.23
CA LEU A 571 11.63 7.74 1.73
C LEU A 571 10.11 7.85 1.84
N GLY A 572 9.39 6.81 1.43
CA GLY A 572 7.93 6.85 1.52
C GLY A 572 7.48 7.06 2.95
N LYS A 573 6.50 7.93 3.15
CA LYS A 573 6.01 8.23 4.50
C LYS A 573 5.57 7.01 5.30
N THR A 574 4.94 6.05 4.64
CA THR A 574 4.47 4.88 5.37
C THR A 574 5.36 3.65 5.27
N THR A 575 6.50 3.77 4.61
CA THR A 575 7.39 2.62 4.43
C THR A 575 8.84 2.87 4.81
N GLY A 576 9.27 4.13 4.78
CA GLY A 576 10.64 4.46 5.14
C GLY A 576 11.07 3.94 6.50
N TRP A 577 10.21 4.09 7.50
CA TRP A 577 10.55 3.63 8.83
C TRP A 577 10.80 2.11 8.87
N ILE A 578 10.10 1.36 8.02
CA ILE A 578 10.29 -0.09 8.01
C ILE A 578 11.72 -0.46 7.62
N HIS A 579 12.15 0.01 6.45
CA HIS A 579 13.50 -0.24 5.95
C HIS A 579 14.57 0.28 6.90
N ARG A 580 14.35 1.47 7.44
CA ARG A 580 15.29 2.07 8.37
C ARG A 580 15.44 1.19 9.61
N THR A 581 14.32 0.72 10.16
CA THR A 581 14.37 -0.14 11.35
C THR A 581 15.07 -1.46 11.02
N THR A 582 14.78 -2.01 9.84
CA THR A 582 15.36 -3.28 9.41
C THR A 582 16.88 -3.17 9.31
N LEU A 583 17.34 -2.17 8.58
CA LEU A 583 18.77 -1.93 8.41
C LEU A 583 19.50 -1.68 9.72
N LEU A 584 18.95 -0.81 10.57
CA LEU A 584 19.58 -0.50 11.85
C LEU A 584 19.66 -1.73 12.78
N SER A 585 18.67 -2.62 12.69
CA SER A 585 18.65 -3.82 13.53
C SER A 585 19.65 -4.84 12.99
N ARG A 586 20.04 -4.68 11.72
CA ARG A 586 21.01 -5.57 11.09
C ARG A 586 22.42 -5.08 11.35
N GLY A 587 22.54 -3.91 11.98
CA GLY A 587 23.85 -3.38 12.29
C GLY A 587 24.43 -2.39 11.28
N VAL A 588 23.67 -2.07 10.24
CA VAL A 588 24.17 -1.12 9.27
C VAL A 588 24.15 0.26 9.91
N LYS A 589 25.15 1.08 9.57
CA LYS A 589 25.24 2.42 10.10
C LYS A 589 24.89 3.44 9.02
N MET A 590 24.26 4.53 9.44
CA MET A 590 23.85 5.61 8.54
C MET A 590 24.36 6.93 9.10
N ILE A 591 25.16 7.64 8.33
CA ILE A 591 25.72 8.91 8.81
C ILE A 591 25.44 10.11 7.89
N PRO A 592 24.82 11.16 8.45
CA PRO A 592 24.47 12.39 7.73
C PRO A 592 25.57 13.47 7.88
N GLY A 593 25.49 14.53 7.09
CA GLY A 593 26.46 15.61 7.15
C GLY A 593 27.89 15.20 6.83
N VAL A 594 28.05 14.35 5.83
CA VAL A 594 29.35 13.86 5.45
C VAL A 594 29.96 14.61 4.27
N SER A 595 31.28 14.79 4.32
CA SER A 595 32.02 15.44 3.25
C SER A 595 33.01 14.38 2.77
N TYR A 596 33.06 14.15 1.46
CA TYR A 596 33.97 13.14 0.91
C TYR A 596 35.29 13.74 0.45
N GLN A 597 36.39 13.33 1.08
CA GLN A 597 37.72 13.83 0.72
C GLN A 597 38.23 13.12 -0.53
N LYS A 598 38.60 11.85 -0.39
CA LYS A 598 39.09 11.08 -1.52
C LYS A 598 39.04 9.57 -1.25
N ILE A 599 39.23 8.81 -2.32
CA ILE A 599 39.21 7.36 -2.23
C ILE A 599 40.56 6.77 -2.65
N ASP A 600 41.29 6.21 -1.70
CA ASP A 600 42.59 5.59 -2.00
C ASP A 600 42.71 4.21 -1.34
N ASP A 601 43.89 3.60 -1.47
CA ASP A 601 44.16 2.28 -0.92
C ASP A 601 43.85 2.15 0.57
N ASP A 602 43.87 3.28 1.28
CA ASP A 602 43.57 3.26 2.71
C ASP A 602 42.06 3.22 2.94
N GLY A 603 41.30 3.41 1.87
CA GLY A 603 39.85 3.40 1.98
C GLY A 603 39.17 4.68 1.54
N LEU A 604 38.15 5.10 2.30
CA LEU A 604 37.39 6.31 2.00
C LEU A 604 37.66 7.38 3.04
N HIS A 605 38.30 8.46 2.61
CA HIS A 605 38.62 9.57 3.49
C HIS A 605 37.45 10.55 3.50
N VAL A 606 36.91 10.81 4.67
CA VAL A 606 35.78 11.72 4.78
C VAL A 606 35.95 12.67 5.95
N VAL A 607 34.97 13.56 6.11
CA VAL A 607 34.97 14.51 7.22
C VAL A 607 33.61 14.38 7.89
N ILE A 608 33.63 14.10 9.19
CA ILE A 608 32.40 13.93 9.94
C ILE A 608 32.47 14.74 11.22
N ASN A 609 31.44 15.54 11.47
CA ASN A 609 31.38 16.37 12.66
C ASN A 609 32.60 17.30 12.70
N GLY A 610 33.14 17.60 11.53
CA GLY A 610 34.29 18.49 11.43
C GLY A 610 35.65 17.82 11.57
N GLU A 611 35.66 16.50 11.67
CA GLU A 611 36.93 15.77 11.82
C GLU A 611 37.10 14.72 10.72
N THR A 612 38.28 14.70 10.10
CA THR A 612 38.56 13.73 9.05
C THR A 612 38.57 12.31 9.60
N GLN A 613 38.19 11.36 8.76
CA GLN A 613 38.17 9.95 9.12
C GLN A 613 38.51 9.13 7.89
N VAL A 614 39.16 7.99 8.11
CA VAL A 614 39.50 7.09 7.02
C VAL A 614 38.68 5.83 7.25
N LEU A 615 37.81 5.52 6.29
CA LEU A 615 36.96 4.34 6.38
C LEU A 615 37.63 3.18 5.64
N ALA A 616 38.31 2.33 6.40
CA ALA A 616 39.00 1.18 5.83
C ALA A 616 37.99 0.18 5.29
N VAL A 617 37.40 0.51 4.15
CA VAL A 617 36.40 -0.36 3.53
C VAL A 617 37.00 -1.17 2.38
N ASP A 618 36.36 -2.30 2.09
CA ASP A 618 36.81 -3.17 1.01
C ASP A 618 36.18 -2.71 -0.30
N ASN A 619 35.11 -1.93 -0.20
CA ASN A 619 34.42 -1.41 -1.38
C ASN A 619 33.56 -0.21 -1.05
N VAL A 620 33.44 0.69 -2.03
CA VAL A 620 32.64 1.91 -1.90
C VAL A 620 31.61 1.82 -3.02
N VAL A 621 30.33 1.76 -2.64
CA VAL A 621 29.26 1.66 -3.63
C VAL A 621 28.62 3.02 -3.89
N ILE A 622 28.54 3.38 -5.17
CA ILE A 622 27.96 4.65 -5.58
C ILE A 622 26.45 4.61 -5.85
N CYS A 623 25.69 5.27 -4.98
CA CYS A 623 24.24 5.36 -5.13
C CYS A 623 23.93 6.85 -5.06
N ALA A 624 24.65 7.62 -5.89
CA ALA A 624 24.52 9.07 -5.91
C ALA A 624 23.53 9.66 -6.91
N GLY A 625 22.39 9.00 -7.09
CA GLY A 625 21.41 9.55 -8.00
C GLY A 625 21.51 9.18 -9.46
N GLN A 626 20.63 9.79 -10.25
CA GLN A 626 20.56 9.53 -11.67
C GLN A 626 20.37 10.83 -12.44
N GLU A 627 20.67 10.77 -13.74
CA GLU A 627 20.52 11.90 -14.65
C GLU A 627 19.85 11.35 -15.90
N PRO A 628 18.90 12.10 -16.48
CA PRO A 628 18.21 11.63 -17.68
C PRO A 628 19.09 11.26 -18.86
N ASN A 629 18.69 10.22 -19.57
CA ASN A 629 19.41 9.74 -20.75
C ASN A 629 18.60 10.11 -21.99
N ARG A 630 19.00 11.17 -22.66
CA ARG A 630 18.30 11.64 -23.85
C ARG A 630 19.11 11.49 -25.14
N ALA A 631 19.90 10.42 -25.23
CA ALA A 631 20.73 10.16 -26.41
C ALA A 631 20.06 10.46 -27.75
N LEU A 632 18.77 10.14 -27.87
CA LEU A 632 18.05 10.36 -29.11
C LEU A 632 17.16 11.61 -29.12
N ALA A 633 17.13 12.32 -28.01
CA ALA A 633 16.32 13.53 -27.89
C ALA A 633 16.55 14.52 -29.04
N GLN A 634 17.79 14.96 -29.19
CA GLN A 634 18.13 15.92 -30.23
C GLN A 634 18.28 15.30 -31.61
N PRO A 635 18.99 14.16 -31.73
CA PRO A 635 19.15 13.54 -33.04
C PRO A 635 17.80 13.33 -33.74
N LEU A 636 16.71 13.43 -32.98
CA LEU A 636 15.37 13.27 -33.52
C LEU A 636 14.73 14.61 -33.86
N ILE A 637 15.08 15.64 -33.09
CA ILE A 637 14.56 16.98 -33.34
C ILE A 637 15.37 17.59 -34.48
N ASP A 638 16.63 17.19 -34.57
CA ASP A 638 17.53 17.66 -35.62
C ASP A 638 17.31 16.78 -36.84
N SER A 639 16.12 16.16 -36.89
CA SER A 639 15.74 15.29 -37.98
C SER A 639 14.26 15.50 -38.31
N GLY A 640 13.74 16.65 -37.88
CA GLY A 640 12.34 16.99 -38.13
C GLY A 640 11.33 15.90 -37.85
N LYS A 641 11.44 15.22 -36.71
CA LYS A 641 10.51 14.17 -36.35
C LYS A 641 9.80 14.50 -35.04
N THR A 642 8.50 14.22 -34.95
CA THR A 642 7.77 14.50 -33.73
C THR A 642 8.17 13.47 -32.69
N VAL A 643 8.71 13.94 -31.57
CA VAL A 643 9.17 13.06 -30.50
C VAL A 643 8.63 13.47 -29.13
N HIS A 644 8.43 12.47 -28.27
CA HIS A 644 7.93 12.68 -26.92
C HIS A 644 8.88 12.06 -25.89
N LEU A 645 8.97 12.68 -24.71
CA LEU A 645 9.84 12.16 -23.66
C LEU A 645 9.02 11.82 -22.42
N ILE A 646 9.16 10.59 -21.94
CA ILE A 646 8.45 10.15 -20.75
C ILE A 646 9.35 9.42 -19.78
N GLY A 647 8.96 9.40 -18.51
CA GLY A 647 9.75 8.73 -17.50
C GLY A 647 11.10 9.37 -17.23
N GLY A 648 12.07 8.52 -16.93
CA GLY A 648 13.41 8.98 -16.62
C GLY A 648 14.14 9.87 -17.62
N CYS A 649 13.97 9.65 -18.91
CA CYS A 649 14.67 10.47 -19.90
C CYS A 649 14.10 11.88 -20.02
N ASP A 650 13.11 12.19 -19.18
CA ASP A 650 12.50 13.51 -19.17
C ASP A 650 12.88 14.24 -17.87
N VAL A 651 12.82 13.52 -16.76
CA VAL A 651 13.19 14.04 -15.45
C VAL A 651 13.70 12.86 -14.64
N ALA A 652 14.82 13.04 -13.95
CA ALA A 652 15.40 11.95 -13.17
C ALA A 652 15.43 12.20 -11.66
N MET A 653 15.28 13.46 -11.27
CA MET A 653 15.30 13.83 -9.85
C MET A 653 14.48 12.92 -8.94
N GLU A 654 13.18 13.19 -8.87
CA GLU A 654 12.27 12.42 -8.03
C GLU A 654 11.37 11.56 -8.91
N LEU A 655 11.87 11.18 -10.07
CA LEU A 655 11.13 10.36 -11.02
C LEU A 655 11.26 8.87 -10.68
N ASP A 656 10.28 8.35 -9.95
CA ASP A 656 10.27 6.93 -9.59
C ASP A 656 9.34 6.26 -10.58
N ALA A 657 8.91 5.04 -10.28
CA ALA A 657 8.03 4.29 -11.17
C ALA A 657 6.61 4.87 -11.30
N ARG A 658 6.11 5.49 -10.25
CA ARG A 658 4.76 6.04 -10.32
C ARG A 658 4.64 7.15 -11.35
N ARG A 659 5.55 8.12 -11.30
CA ARG A 659 5.53 9.22 -12.24
C ARG A 659 5.75 8.64 -13.63
N ALA A 660 6.67 7.68 -13.73
CA ALA A 660 6.97 7.06 -15.01
C ALA A 660 5.70 6.50 -15.65
N ILE A 661 4.99 5.65 -14.92
CA ILE A 661 3.77 5.04 -15.42
C ILE A 661 2.63 6.03 -15.65
N ALA A 662 2.42 6.96 -14.73
CA ALA A 662 1.34 7.94 -14.88
C ALA A 662 1.57 8.82 -16.12
N GLN A 663 2.84 9.10 -16.40
CA GLN A 663 3.23 9.94 -17.53
C GLN A 663 3.03 9.19 -18.85
N GLY A 664 3.54 7.97 -18.91
CA GLY A 664 3.38 7.17 -20.10
C GLY A 664 1.90 6.96 -20.33
N THR A 665 1.17 6.67 -19.26
CA THR A 665 -0.28 6.47 -19.34
C THR A 665 -1.04 7.71 -19.80
N ARG A 666 -0.63 8.89 -19.33
CA ARG A 666 -1.29 10.13 -19.71
C ARG A 666 -1.04 10.44 -21.17
N LEU A 667 0.18 10.20 -21.63
CA LEU A 667 0.48 10.46 -23.03
C LEU A 667 -0.39 9.52 -23.86
N ALA A 668 -0.28 8.23 -23.56
CA ALA A 668 -1.02 7.18 -24.27
C ALA A 668 -2.52 7.43 -24.42
N LEU A 669 -3.16 7.99 -23.39
CA LEU A 669 -4.60 8.26 -23.43
C LEU A 669 -4.97 9.54 -24.16
N GLU A 670 -3.98 10.39 -24.40
CA GLU A 670 -4.20 11.66 -25.08
C GLU A 670 -3.90 11.55 -26.57
N ILE A 671 -2.72 11.01 -26.87
CA ILE A 671 -2.27 10.84 -28.24
C ILE A 671 -3.31 10.13 -29.14
#